data_3CEY
#
_entry.id   3CEY
#
_cell.length_a   55.643
_cell.length_b   55.938
_cell.length_c   329.090
_cell.angle_alpha   90.00
_cell.angle_beta   90.00
_cell.angle_gamma   90.00
#
_symmetry.space_group_name_H-M   'P 21 21 21'
#
loop_
_entity.id
_entity.type
_entity.pdbx_description
1 polymer 'Lethal(3)malignant brain tumor-like 2 protein'
2 water water
#
_entity_poly.entity_id   1
_entity_poly.type   'polypeptide(L)'
_entity_poly.pdbx_seq_one_letter_code
;MHHHHHHSSGRENLYFQGTGQDALVLGFDWGKFLKDHSYKAAPVSCFKHVPLYDQWEDVMKGMKVEVLNSDAVLPSRVYW
IASVIQTAGYRVLLRYEGFENDASHDFWCNLGTVDVHPIGWCAINSKILVPPRTIHAKFTDWKGYLMKRLVGSRTLPVDF
HIKMVESMKYPFRQGMRLEVVDKSQVSRTRMAVVDTVIGGRLRLLYEDGDSDDDFWCHMWSPLIHPVGWSRRVGHGIKMS
ERRSDMAHHPTFRKIYCDAVPYLFKKVRAVYTEGGWFEEGMKLEAIDPLNLGNICVATVCKVLLDGYLMICVDGGPSTDG
LDWFCYHASSHAIFPATFCQKNDIELTPPKGYEAQTFNWENYLEKTKSKAAPSRLFNMDCPNHGFKVGMKLEAVDLMEPR
LICVATVKRVVHRLLSIHFDGWDSEYDQWVDCESPDIYPVGWCELTGYQLQPPVAAEPATPLKAKEATKKKKKQ
;
_entity_poly.pdbx_strand_id   A,B
#
# COMPACT_ATOMS: atom_id res chain seq x y z
N GLN A 21 -15.78 -46.22 -19.78
CA GLN A 21 -14.86 -45.32 -19.02
C GLN A 21 -14.09 -44.38 -19.93
N ASP A 22 -13.52 -44.95 -21.00
CA ASP A 22 -12.74 -44.21 -22.02
C ASP A 22 -13.64 -43.45 -23.00
N ALA A 23 -14.90 -43.90 -23.14
CA ALA A 23 -15.97 -43.19 -23.84
C ALA A 23 -16.36 -41.86 -23.16
N LEU A 24 -16.34 -41.84 -21.83
CA LEU A 24 -16.75 -40.64 -21.09
C LEU A 24 -15.69 -39.58 -21.07
N VAL A 25 -15.72 -38.71 -22.05
CA VAL A 25 -14.78 -37.61 -22.15
C VAL A 25 -15.38 -36.29 -21.67
N LEU A 26 -15.10 -35.98 -20.40
CA LEU A 26 -15.57 -34.74 -19.73
C LEU A 26 -14.57 -33.57 -19.73
N GLY A 27 -13.43 -33.79 -20.36
CA GLY A 27 -12.44 -32.70 -20.56
C GLY A 27 -11.36 -32.70 -19.50
N PHE A 28 -10.85 -31.51 -19.16
CA PHE A 28 -9.78 -31.34 -18.17
C PHE A 28 -10.16 -31.63 -16.72
N ASP A 29 -9.34 -32.45 -16.07
CA ASP A 29 -9.53 -32.74 -14.66
C ASP A 29 -8.42 -32.12 -13.80
N TRP A 30 -8.74 -31.07 -13.04
CA TRP A 30 -7.71 -30.48 -12.16
C TRP A 30 -7.09 -31.45 -11.15
N GLY A 31 -7.93 -32.33 -10.61
CA GLY A 31 -7.52 -33.40 -9.72
C GLY A 31 -6.41 -34.32 -10.18
N LYS A 32 -6.54 -34.91 -11.37
CA LYS A 32 -5.52 -35.78 -11.92
C LYS A 32 -4.23 -34.98 -12.21
N PHE A 33 -4.40 -33.73 -12.63
CA PHE A 33 -3.31 -32.82 -12.97
C PHE A 33 -2.47 -32.45 -11.76
N LEU A 34 -3.13 -32.19 -10.63
CA LEU A 34 -2.49 -31.59 -9.46
C LEU A 34 -1.91 -32.60 -8.50
N LYS A 35 -2.40 -33.82 -8.59
CA LYS A 35 -1.96 -34.89 -7.74
C LYS A 35 -0.61 -35.40 -8.23
N ASP A 36 -0.52 -35.68 -9.52
CA ASP A 36 0.70 -36.19 -10.15
C ASP A 36 1.92 -35.26 -9.89
N HIS A 37 1.69 -33.97 -10.11
CA HIS A 37 2.76 -33.01 -10.24
C HIS A 37 3.05 -32.15 -9.00
N SER A 38 2.32 -32.46 -7.91
CA SER A 38 2.48 -31.77 -6.62
C SER A 38 2.39 -30.22 -6.74
N TYR A 39 1.44 -29.75 -7.55
CA TYR A 39 1.28 -28.31 -7.82
C TYR A 39 0.51 -27.61 -6.74
N LYS A 40 0.85 -26.33 -6.55
CA LYS A 40 0.09 -25.39 -5.71
C LYS A 40 -0.82 -24.47 -6.58
N ALA A 41 -2.00 -24.13 -6.06
CA ALA A 41 -3.03 -23.40 -6.76
C ALA A 41 -3.13 -22.11 -6.00
N ALA A 42 -3.38 -21.00 -6.70
CA ALA A 42 -3.58 -19.72 -6.05
C ALA A 42 -4.91 -19.83 -5.27
N PRO A 43 -4.93 -19.35 -4.05
CA PRO A 43 -6.20 -19.58 -3.33
C PRO A 43 -7.32 -18.60 -3.70
N VAL A 44 -8.54 -18.97 -3.35
CA VAL A 44 -9.70 -18.15 -3.65
C VAL A 44 -9.57 -16.71 -3.09
N SER A 45 -8.82 -16.55 -2.02
CA SER A 45 -8.68 -15.29 -1.36
C SER A 45 -7.83 -14.30 -2.18
N CYS A 46 -7.20 -14.75 -3.26
CA CYS A 46 -6.43 -13.84 -4.15
C CYS A 46 -7.32 -13.14 -5.18
N PHE A 47 -8.58 -13.53 -5.24
CA PHE A 47 -9.45 -13.07 -6.30
C PHE A 47 -10.70 -12.37 -5.79
N LYS A 48 -10.68 -11.05 -5.70
CA LYS A 48 -11.81 -10.32 -5.13
C LYS A 48 -13.15 -10.40 -5.90
N HIS A 49 -13.07 -10.67 -7.21
CA HIS A 49 -14.25 -10.63 -8.09
C HIS A 49 -15.02 -11.95 -8.20
N VAL A 50 -14.60 -12.99 -7.49
CA VAL A 50 -15.21 -14.34 -7.65
C VAL A 50 -16.18 -14.71 -6.55
N PRO A 51 -17.10 -15.66 -6.83
CA PRO A 51 -18.06 -16.16 -5.84
C PRO A 51 -17.35 -16.78 -4.63
N LEU A 52 -17.94 -16.61 -3.45
CA LEU A 52 -17.44 -17.19 -2.18
C LEU A 52 -16.19 -16.46 -1.67
N TYR A 53 -15.71 -15.45 -2.40
CA TYR A 53 -14.52 -14.71 -1.93
C TYR A 53 -14.71 -14.24 -0.48
N ASP A 54 -15.91 -13.75 -0.18
CA ASP A 54 -16.18 -13.11 1.10
C ASP A 54 -16.58 -14.10 2.19
N GLN A 55 -16.68 -15.38 1.82
CA GLN A 55 -16.94 -16.45 2.76
C GLN A 55 -15.75 -17.41 2.92
N TRP A 56 -14.65 -17.13 2.23
CA TRP A 56 -13.55 -18.08 2.14
C TRP A 56 -12.68 -18.10 3.37
N GLU A 57 -11.89 -19.17 3.54
CA GLU A 57 -10.88 -19.23 4.64
C GLU A 57 -11.53 -19.29 6.06
N ASP A 58 -12.86 -19.13 6.12
CA ASP A 58 -13.67 -20.05 6.95
C ASP A 58 -13.71 -21.45 6.22
N VAL A 59 -12.88 -21.60 5.18
CA VAL A 59 -12.52 -22.90 4.60
C VAL A 59 -11.06 -23.24 4.87
N MET A 60 -10.82 -24.29 5.63
CA MET A 60 -9.44 -24.67 5.92
C MET A 60 -9.23 -26.17 6.08
N LYS A 61 -7.97 -26.60 5.98
CA LYS A 61 -7.57 -27.97 6.13
C LYS A 61 -8.06 -28.48 7.47
N GLY A 62 -8.64 -29.68 7.43
CA GLY A 62 -9.27 -30.28 8.58
C GLY A 62 -10.70 -29.91 8.87
N MET A 63 -11.29 -28.98 8.12
CA MET A 63 -12.72 -28.76 8.17
C MET A 63 -13.52 -30.03 7.77
N LYS A 64 -14.70 -30.18 8.37
CA LYS A 64 -15.54 -31.35 8.25
C LYS A 64 -16.80 -30.96 7.55
N VAL A 65 -17.21 -31.80 6.60
CA VAL A 65 -18.45 -31.69 5.85
C VAL A 65 -19.19 -33.02 5.79
N GLU A 66 -20.51 -32.95 5.56
CA GLU A 66 -21.29 -34.08 5.15
C GLU A 66 -21.32 -34.09 3.61
N VAL A 67 -20.91 -35.20 3.03
CA VAL A 67 -20.94 -35.41 1.59
C VAL A 67 -21.58 -36.74 1.22
N LEU A 68 -21.98 -36.84 -0.04
CA LEU A 68 -22.49 -38.07 -0.59
C LEU A 68 -21.46 -39.21 -0.35
N ASN A 69 -21.98 -40.36 0.06
CA ASN A 69 -21.16 -41.54 0.08
C ASN A 69 -21.31 -42.22 -1.30
N SER A 70 -20.16 -42.38 -1.96
CA SER A 70 -20.07 -42.99 -3.28
C SER A 70 -19.77 -44.48 -3.24
N ASP A 71 -19.10 -45.00 -2.20
CA ASP A 71 -19.02 -46.49 -1.98
C ASP A 71 -20.23 -47.04 -1.16
N ARG A 77 -29.32 -42.52 -1.88
CA ARG A 77 -28.43 -41.40 -1.50
C ARG A 77 -28.16 -41.39 -0.02
N VAL A 78 -26.97 -41.86 0.31
CA VAL A 78 -26.54 -41.80 1.70
C VAL A 78 -25.29 -40.96 1.78
N TYR A 79 -25.07 -40.38 2.97
CA TYR A 79 -23.96 -39.43 3.20
C TYR A 79 -22.97 -39.94 4.23
N TRP A 80 -21.83 -39.29 4.27
CA TRP A 80 -20.82 -39.57 5.31
C TRP A 80 -20.05 -38.27 5.62
N ILE A 81 -19.13 -38.27 6.58
CA ILE A 81 -18.44 -37.11 7.01
C ILE A 81 -17.09 -37.23 6.37
N ALA A 82 -16.53 -36.12 5.91
CA ALA A 82 -15.21 -36.11 5.32
C ALA A 82 -14.47 -34.91 5.88
N SER A 83 -13.16 -34.95 5.73
CA SER A 83 -12.26 -33.94 6.24
C SER A 83 -11.40 -33.42 5.09
N VAL A 84 -11.10 -32.12 5.13
CA VAL A 84 -10.34 -31.46 4.06
C VAL A 84 -8.88 -31.80 4.30
N ILE A 85 -8.26 -32.44 3.32
CA ILE A 85 -6.83 -32.78 3.36
C ILE A 85 -6.03 -31.65 2.68
N GLN A 86 -6.61 -31.05 1.65
CA GLN A 86 -5.88 -30.11 0.79
C GLN A 86 -6.91 -29.24 0.08
N THR A 87 -6.49 -28.03 -0.27
CA THR A 87 -7.35 -27.09 -0.92
C THR A 87 -6.65 -26.59 -2.15
N ALA A 88 -7.39 -26.42 -3.24
CA ALA A 88 -6.86 -25.87 -4.48
C ALA A 88 -7.95 -25.06 -5.16
N GLY A 89 -7.90 -23.75 -4.98
CA GLY A 89 -8.92 -22.86 -5.46
C GLY A 89 -10.16 -23.27 -4.74
N TYR A 90 -11.24 -23.47 -5.49
CA TYR A 90 -12.52 -23.90 -4.93
C TYR A 90 -12.62 -25.39 -4.59
N ARG A 91 -11.66 -26.16 -5.04
CA ARG A 91 -11.73 -27.60 -4.90
C ARG A 91 -11.04 -28.03 -3.61
N VAL A 92 -11.68 -28.90 -2.83
CA VAL A 92 -11.03 -29.52 -1.70
C VAL A 92 -10.83 -31.05 -1.90
N LEU A 93 -9.68 -31.54 -1.45
CA LEU A 93 -9.39 -32.99 -1.44
C LEU A 93 -9.90 -33.45 -0.11
N LEU A 94 -10.88 -34.35 -0.15
CA LEU A 94 -11.56 -34.86 1.05
C LEU A 94 -11.17 -36.29 1.43
N ARG A 95 -11.18 -36.60 2.71
CA ARG A 95 -10.92 -37.97 3.13
C ARG A 95 -12.08 -38.40 4.00
N TYR A 96 -12.74 -39.48 3.65
CA TYR A 96 -13.86 -39.93 4.45
C TYR A 96 -13.37 -40.27 5.89
N GLU A 97 -14.19 -39.94 6.89
CA GLU A 97 -13.84 -40.28 8.25
C GLU A 97 -13.76 -41.79 8.44
N GLY A 98 -12.72 -42.22 9.13
CA GLY A 98 -12.47 -43.61 9.31
C GLY A 98 -11.29 -44.13 8.54
N PHE A 99 -10.86 -43.42 7.50
CA PHE A 99 -9.70 -43.84 6.69
C PHE A 99 -8.40 -43.52 7.34
N GLU A 100 -8.43 -42.49 8.19
CA GLU A 100 -7.30 -42.07 9.02
C GLU A 100 -6.13 -41.62 8.14
N ASN A 101 -5.10 -42.46 8.06
CA ASN A 101 -3.93 -42.20 7.24
C ASN A 101 -4.05 -42.87 5.88
N ASP A 102 -5.04 -43.75 5.71
CA ASP A 102 -5.23 -44.35 4.40
C ASP A 102 -5.72 -43.30 3.38
N ALA A 103 -4.85 -42.92 2.43
CA ALA A 103 -5.18 -41.90 1.40
C ALA A 103 -5.74 -42.46 0.09
N SER A 104 -5.86 -43.78 -0.04
CA SER A 104 -6.28 -44.39 -1.31
C SER A 104 -7.71 -44.06 -1.79
N HIS A 105 -8.58 -43.57 -0.91
CA HIS A 105 -9.94 -43.20 -1.33
C HIS A 105 -10.24 -41.70 -1.30
N ASP A 106 -9.21 -40.87 -1.20
CA ASP A 106 -9.37 -39.44 -1.19
C ASP A 106 -10.03 -38.96 -2.47
N PHE A 107 -10.86 -37.94 -2.33
CA PHE A 107 -11.64 -37.51 -3.48
C PHE A 107 -11.75 -35.99 -3.49
N TRP A 108 -11.87 -35.41 -4.67
CA TRP A 108 -12.01 -33.98 -4.81
C TRP A 108 -13.47 -33.53 -4.83
N CYS A 109 -13.70 -32.38 -4.25
CA CYS A 109 -14.98 -31.79 -4.16
C CYS A 109 -14.86 -30.29 -4.48
N ASN A 110 -15.63 -29.79 -5.42
CA ASN A 110 -15.72 -28.38 -5.61
C ASN A 110 -16.75 -27.89 -4.59
N LEU A 111 -16.37 -26.90 -3.78
CA LEU A 111 -17.25 -26.35 -2.72
C LEU A 111 -18.43 -25.50 -3.26
N GLY A 112 -18.44 -25.17 -4.56
CA GLY A 112 -19.65 -24.63 -5.14
C GLY A 112 -20.77 -25.59 -5.56
N THR A 113 -20.66 -26.88 -5.26
CA THR A 113 -21.68 -27.86 -5.63
C THR A 113 -22.69 -28.06 -4.50
N VAL A 114 -23.84 -28.67 -4.87
CA VAL A 114 -24.99 -28.73 -3.97
C VAL A 114 -24.76 -29.72 -2.87
N ASP A 115 -24.06 -30.82 -3.18
CA ASP A 115 -23.96 -31.98 -2.28
C ASP A 115 -22.79 -31.97 -1.29
N VAL A 116 -22.36 -30.78 -0.86
CA VAL A 116 -21.41 -30.63 0.25
C VAL A 116 -22.20 -29.87 1.27
N HIS A 117 -22.13 -30.28 2.52
CA HIS A 117 -22.98 -29.71 3.54
C HIS A 117 -22.22 -29.58 4.86
N PRO A 118 -22.68 -28.66 5.73
CA PRO A 118 -22.27 -28.62 7.13
C PRO A 118 -22.73 -29.84 7.93
N ILE A 119 -21.90 -30.27 8.87
CA ILE A 119 -22.31 -31.22 9.89
C ILE A 119 -23.65 -30.78 10.46
N GLY A 120 -24.55 -31.73 10.68
CA GLY A 120 -25.89 -31.47 11.19
C GLY A 120 -26.95 -31.51 10.09
N TRP A 121 -26.52 -31.32 8.84
CA TRP A 121 -27.43 -31.17 7.70
C TRP A 121 -28.28 -32.42 7.52
N CYS A 122 -27.66 -33.60 7.59
CA CYS A 122 -28.40 -34.88 7.54
C CYS A 122 -29.53 -35.02 8.50
N ALA A 123 -29.30 -34.59 9.75
CA ALA A 123 -30.31 -34.60 10.83
C ALA A 123 -31.56 -33.75 10.55
N ILE A 124 -31.34 -32.54 10.04
CA ILE A 124 -32.45 -31.64 9.73
C ILE A 124 -33.17 -32.12 8.48
N ASN A 125 -32.43 -32.70 7.54
CA ASN A 125 -33.02 -33.19 6.30
C ASN A 125 -33.39 -34.70 6.23
N SER A 126 -33.63 -35.31 7.39
CA SER A 126 -34.06 -36.73 7.48
C SER A 126 -33.21 -37.70 6.67
N LYS A 127 -31.94 -37.34 6.51
CA LYS A 127 -30.97 -38.15 5.82
C LYS A 127 -30.22 -39.05 6.80
N ILE A 128 -29.53 -40.07 6.28
CA ILE A 128 -28.83 -41.05 7.10
C ILE A 128 -27.33 -41.10 6.74
N LEU A 129 -26.50 -41.23 7.76
CA LEU A 129 -25.06 -41.33 7.61
C LEU A 129 -24.69 -42.80 7.54
N VAL A 130 -23.98 -43.22 6.47
CA VAL A 130 -23.61 -44.64 6.28
C VAL A 130 -22.11 -44.70 5.98
N PRO A 131 -21.34 -45.56 6.69
CA PRO A 131 -19.90 -45.52 6.42
C PRO A 131 -19.56 -46.11 5.05
N PRO A 132 -18.46 -45.67 4.45
CA PRO A 132 -18.17 -46.34 3.17
C PRO A 132 -17.96 -47.84 3.39
N ARG A 133 -18.37 -48.66 2.41
CA ARG A 133 -18.30 -50.10 2.52
C ARG A 133 -16.85 -50.55 2.68
N THR A 134 -15.93 -49.75 2.16
CA THR A 134 -14.50 -50.01 2.29
C THR A 134 -14.05 -50.17 3.76
N ILE A 135 -14.60 -49.36 4.63
CA ILE A 135 -14.11 -49.37 6.00
C ILE A 135 -15.16 -49.70 7.05
N HIS A 136 -16.32 -50.15 6.62
CA HIS A 136 -17.49 -50.24 7.51
C HIS A 136 -17.21 -51.18 8.66
N ALA A 137 -16.34 -52.15 8.44
CA ALA A 137 -16.06 -53.12 9.52
C ALA A 137 -14.96 -52.66 10.48
N LYS A 138 -14.51 -51.41 10.34
CA LYS A 138 -13.42 -50.88 11.18
C LYS A 138 -13.85 -50.82 12.67
N PHE A 139 -15.06 -50.29 12.88
CA PHE A 139 -15.66 -50.10 14.22
C PHE A 139 -17.09 -50.63 14.27
N THR A 140 -17.54 -50.97 15.46
CA THR A 140 -18.97 -51.16 15.71
C THR A 140 -19.59 -49.81 16.07
N ASP A 141 -19.00 -49.10 17.05
CA ASP A 141 -19.57 -47.81 17.48
C ASP A 141 -19.03 -46.68 16.63
N TRP A 142 -19.62 -46.50 15.46
CA TRP A 142 -19.25 -45.46 14.57
C TRP A 142 -19.69 -44.11 15.11
N LYS A 143 -20.79 -44.05 15.83
CA LYS A 143 -21.27 -42.78 16.35
C LYS A 143 -20.26 -42.21 17.36
N GLY A 144 -19.79 -43.05 18.27
CA GLY A 144 -18.77 -42.66 19.25
C GLY A 144 -17.49 -42.24 18.58
N TYR A 145 -17.11 -42.96 17.54
CA TYR A 145 -15.89 -42.62 16.83
C TYR A 145 -15.99 -41.20 16.21
N LEU A 146 -17.07 -40.93 15.48
CA LEU A 146 -17.36 -39.61 14.91
C LEU A 146 -17.42 -38.48 15.96
N MET A 147 -17.98 -38.76 17.14
CA MET A 147 -18.00 -37.79 18.27
C MET A 147 -16.64 -37.36 18.75
N LYS A 148 -15.78 -38.33 18.99
CA LYS A 148 -14.39 -38.04 19.30
C LYS A 148 -13.67 -37.28 18.16
N ARG A 149 -14.04 -37.53 16.90
CA ARG A 149 -13.42 -36.83 15.77
C ARG A 149 -13.97 -35.41 15.53
N LEU A 150 -15.23 -35.18 15.93
CA LEU A 150 -15.83 -33.86 15.81
C LEU A 150 -15.53 -32.88 16.95
N VAL A 151 -14.97 -33.31 18.10
CA VAL A 151 -14.81 -32.39 19.21
C VAL A 151 -13.75 -31.29 18.92
N GLY A 152 -14.27 -30.04 19.00
CA GLY A 152 -13.56 -28.82 18.40
C GLY A 152 -13.44 -28.74 16.85
N SER A 153 -14.39 -29.39 16.10
CA SER A 153 -14.17 -29.27 14.65
C SER A 153 -14.87 -28.04 14.07
N ARG A 154 -14.18 -27.37 12.91
CA ARG A 154 -15.00 -26.40 12.19
C ARG A 154 -15.72 -27.12 11.00
N THR A 155 -16.84 -26.57 10.58
CA THR A 155 -17.58 -27.06 9.43
C THR A 155 -17.91 -25.87 8.52
N LEU A 156 -18.68 -26.08 7.45
CA LEU A 156 -19.01 -24.99 6.53
C LEU A 156 -19.90 -23.98 7.20
N PRO A 157 -19.75 -22.67 6.87
CA PRO A 157 -20.70 -21.69 7.32
C PRO A 157 -22.15 -22.07 7.08
N VAL A 158 -23.01 -21.58 7.98
CA VAL A 158 -24.45 -21.46 7.77
C VAL A 158 -24.76 -20.65 6.49
N ASP A 159 -25.61 -21.23 5.64
CA ASP A 159 -26.12 -20.55 4.46
C ASP A 159 -25.02 -20.28 3.42
N PHE A 160 -24.06 -21.19 3.36
CA PHE A 160 -22.88 -21.09 2.52
C PHE A 160 -23.23 -21.17 1.03
N HIS A 161 -24.00 -22.19 0.64
CA HIS A 161 -24.39 -22.28 -0.75
C HIS A 161 -25.46 -21.22 -0.97
N ILE A 162 -26.22 -20.89 0.07
CA ILE A 162 -27.29 -19.90 -0.04
C ILE A 162 -26.71 -18.52 -0.33
N LYS A 163 -25.75 -18.09 0.48
CA LYS A 163 -25.00 -16.86 0.19
C LYS A 163 -24.24 -16.92 -1.15
N MET A 164 -23.89 -18.10 -1.62
CA MET A 164 -23.29 -18.14 -2.93
C MET A 164 -24.24 -17.93 -4.14
N VAL A 165 -25.40 -18.57 -4.20
CA VAL A 165 -26.26 -18.35 -5.38
C VAL A 165 -26.80 -16.91 -5.40
N GLU A 166 -26.91 -16.31 -4.22
CA GLU A 166 -27.26 -14.90 -4.03
C GLU A 166 -26.25 -13.90 -4.63
N SER A 167 -24.97 -14.11 -4.36
CA SER A 167 -23.91 -13.29 -4.92
C SER A 167 -23.79 -13.45 -6.45
N MET A 168 -24.34 -14.53 -6.98
CA MET A 168 -24.24 -14.83 -8.41
C MET A 168 -25.48 -14.45 -9.20
N LYS A 169 -26.38 -13.69 -8.58
CA LYS A 169 -27.41 -12.96 -9.32
C LYS A 169 -26.75 -11.65 -9.73
N TYR A 170 -26.51 -11.51 -11.03
CA TYR A 170 -25.77 -10.35 -11.51
C TYR A 170 -26.65 -9.19 -11.94
N PRO A 171 -26.17 -7.94 -11.68
CA PRO A 171 -26.86 -6.70 -12.07
C PRO A 171 -26.99 -6.52 -13.60
N PHE A 172 -26.02 -7.06 -14.35
CA PHE A 172 -26.03 -7.02 -15.83
C PHE A 172 -26.94 -8.14 -16.33
N ARG A 173 -27.92 -7.77 -17.16
CA ARG A 173 -28.85 -8.71 -17.73
C ARG A 173 -28.81 -8.61 -19.25
N GLN A 174 -29.18 -9.72 -19.90
CA GLN A 174 -29.38 -9.74 -21.34
C GLN A 174 -30.21 -8.54 -21.78
N GLY A 175 -29.79 -7.88 -22.85
CA GLY A 175 -30.58 -6.79 -23.38
C GLY A 175 -30.11 -5.40 -23.00
N MET A 176 -29.20 -5.30 -22.04
CA MET A 176 -28.64 -4.04 -21.58
C MET A 176 -27.59 -3.50 -22.53
N ARG A 177 -27.72 -2.23 -22.88
CA ARG A 177 -26.79 -1.60 -23.81
C ARG A 177 -25.64 -0.88 -23.09
N LEU A 178 -24.45 -0.96 -23.66
CA LEU A 178 -23.28 -0.29 -23.11
C LEU A 178 -22.27 0.11 -24.17
N GLU A 179 -21.18 0.75 -23.75
CA GLU A 179 -20.11 1.15 -24.66
C GLU A 179 -18.89 0.25 -24.37
N VAL A 180 -18.29 -0.30 -25.39
CA VAL A 180 -17.15 -1.18 -25.23
C VAL A 180 -16.07 -0.71 -26.17
N VAL A 181 -14.81 -0.68 -25.72
CA VAL A 181 -13.76 -0.35 -26.69
C VAL A 181 -13.79 -1.32 -27.86
N ASP A 182 -13.51 -0.79 -29.05
CA ASP A 182 -13.56 -1.54 -30.29
C ASP A 182 -12.23 -2.25 -30.48
N LYS A 183 -12.26 -3.58 -30.52
CA LYS A 183 -11.04 -4.42 -30.66
C LYS A 183 -10.24 -4.12 -31.92
N SER A 184 -10.96 -3.73 -32.97
CA SER A 184 -10.40 -3.39 -34.28
C SER A 184 -9.89 -1.94 -34.37
N GLN A 185 -10.32 -1.09 -33.43
CA GLN A 185 -9.80 0.28 -33.36
C GLN A 185 -9.91 0.83 -31.93
N VAL A 186 -8.88 0.52 -31.12
CA VAL A 186 -9.00 0.60 -29.67
C VAL A 186 -9.06 2.04 -29.14
N SER A 187 -8.97 2.99 -30.06
CA SER A 187 -9.00 4.44 -29.74
C SER A 187 -10.41 5.04 -29.72
N ARG A 188 -11.40 4.22 -30.08
CA ARG A 188 -12.81 4.57 -29.99
C ARG A 188 -13.61 3.49 -29.22
N THR A 189 -14.79 3.84 -28.74
CA THR A 189 -15.71 2.81 -28.25
C THR A 189 -16.76 2.52 -29.30
N ARG A 190 -17.67 1.63 -28.97
CA ARG A 190 -18.59 1.04 -29.92
C ARG A 190 -19.72 0.53 -29.04
N MET A 191 -20.92 0.53 -29.60
CA MET A 191 -22.12 0.07 -28.89
C MET A 191 -22.23 -1.44 -28.87
N ALA A 192 -22.64 -1.97 -27.72
CA ALA A 192 -22.86 -3.39 -27.64
C ALA A 192 -24.07 -3.66 -26.76
N VAL A 193 -24.83 -4.84 -27.07
CA VAL A 193 -25.92 -5.29 -26.20
C VAL A 193 -25.38 -6.53 -25.47
N VAL A 194 -25.68 -6.65 -24.16
CA VAL A 194 -25.29 -7.82 -23.31
C VAL A 194 -26.08 -9.05 -23.78
N ASP A 195 -25.37 -10.15 -24.06
CA ASP A 195 -26.07 -11.33 -24.52
C ASP A 195 -26.20 -12.48 -23.49
N THR A 196 -25.09 -12.83 -22.84
CA THR A 196 -25.03 -13.92 -21.89
C THR A 196 -24.30 -13.43 -20.66
N VAL A 197 -24.82 -13.72 -19.48
CA VAL A 197 -24.08 -13.49 -18.22
C VAL A 197 -23.72 -14.82 -17.57
N ILE A 198 -22.43 -15.04 -17.33
CA ILE A 198 -21.99 -16.26 -16.63
C ILE A 198 -20.80 -16.01 -15.68
N GLY A 199 -21.05 -16.14 -14.38
CA GLY A 199 -20.01 -15.91 -13.38
C GLY A 199 -19.42 -14.51 -13.39
N GLY A 200 -20.23 -13.51 -13.76
CA GLY A 200 -19.70 -12.09 -13.91
C GLY A 200 -19.07 -11.85 -15.29
N ARG A 201 -18.91 -12.86 -16.11
CA ARG A 201 -18.47 -12.67 -17.45
C ARG A 201 -19.65 -12.31 -18.38
N LEU A 202 -19.42 -11.34 -19.27
CA LEU A 202 -20.44 -10.91 -20.22
C LEU A 202 -20.07 -11.33 -21.61
N ARG A 203 -21.05 -11.82 -22.36
CA ARG A 203 -20.93 -11.93 -23.78
C ARG A 203 -21.62 -10.74 -24.43
N LEU A 204 -20.87 -10.00 -25.22
CA LEU A 204 -21.43 -8.83 -25.87
C LEU A 204 -21.64 -9.02 -27.36
N LEU A 205 -22.68 -8.34 -27.90
CA LEU A 205 -22.99 -8.34 -29.34
C LEU A 205 -23.09 -6.90 -29.86
N TYR A 206 -22.44 -6.65 -30.98
CA TYR A 206 -22.44 -5.27 -31.44
C TYR A 206 -23.76 -4.85 -32.16
N GLU A 207 -24.22 -3.62 -31.82
CA GLU A 207 -25.42 -3.07 -32.44
C GLU A 207 -25.35 -3.17 -33.95
N ASP A 208 -24.15 -2.93 -34.50
CA ASP A 208 -23.84 -3.27 -35.89
C ASP A 208 -22.36 -3.72 -36.10
N ASP A 212 -22.51 -12.18 -35.79
CA ASP A 212 -21.61 -13.37 -35.74
C ASP A 212 -20.31 -13.05 -34.97
N ASP A 213 -19.89 -11.79 -35.01
CA ASP A 213 -18.77 -11.30 -34.20
C ASP A 213 -19.28 -10.92 -32.80
N ASP A 214 -18.45 -11.15 -31.78
CA ASP A 214 -18.85 -10.93 -30.38
C ASP A 214 -17.67 -10.61 -29.44
N PHE A 215 -17.99 -10.27 -28.19
CA PHE A 215 -16.96 -9.90 -27.28
C PHE A 215 -17.25 -10.38 -25.83
N TRP A 216 -16.26 -11.05 -25.23
CA TRP A 216 -16.37 -11.53 -23.84
C TRP A 216 -15.48 -10.67 -22.96
N CYS A 217 -15.99 -10.23 -21.81
CA CYS A 217 -15.20 -9.56 -20.78
C CYS A 217 -15.83 -9.75 -19.41
N HIS A 218 -15.21 -9.24 -18.36
CA HIS A 218 -15.80 -9.39 -17.06
C HIS A 218 -16.59 -8.12 -16.84
N MET A 219 -17.65 -8.19 -16.04
CA MET A 219 -18.42 -7.01 -15.69
C MET A 219 -17.59 -5.86 -15.07
N TRP A 220 -16.42 -6.20 -14.53
CA TRP A 220 -15.46 -5.19 -13.99
C TRP A 220 -14.39 -4.72 -14.97
N SER A 221 -14.45 -5.18 -16.22
CA SER A 221 -13.50 -4.82 -17.25
C SER A 221 -13.40 -3.33 -17.41
N PRO A 222 -12.16 -2.78 -17.43
CA PRO A 222 -12.09 -1.35 -17.78
C PRO A 222 -12.47 -1.04 -19.22
N LEU A 223 -12.79 -2.07 -20.00
CA LEU A 223 -13.12 -1.90 -21.40
C LEU A 223 -14.57 -1.48 -21.64
N ILE A 224 -15.45 -1.61 -20.67
CA ILE A 224 -16.88 -1.31 -20.89
C ILE A 224 -17.32 -0.07 -20.14
N HIS A 225 -18.37 0.59 -20.62
CA HIS A 225 -18.75 1.90 -20.08
C HIS A 225 -20.22 2.16 -20.35
N PRO A 226 -20.89 2.97 -19.48
CA PRO A 226 -22.29 3.25 -19.68
C PRO A 226 -22.45 4.17 -20.88
N VAL A 227 -23.63 4.14 -21.51
CA VAL A 227 -23.90 5.02 -22.65
C VAL A 227 -23.92 6.48 -22.23
N GLY A 228 -23.22 7.29 -23.03
CA GLY A 228 -22.96 8.68 -22.69
C GLY A 228 -21.59 8.90 -22.09
N TRP A 229 -20.85 7.83 -21.74
CA TRP A 229 -19.47 7.97 -21.22
C TRP A 229 -18.49 8.62 -22.20
N SER A 230 -18.30 8.05 -23.38
CA SER A 230 -17.30 8.52 -24.35
C SER A 230 -17.43 10.03 -24.69
N ARG A 231 -18.67 10.47 -24.93
CA ARG A 231 -18.93 11.85 -25.25
C ARG A 231 -18.62 12.79 -24.08
N ARG A 232 -18.95 12.28 -22.86
CA ARG A 232 -18.70 12.98 -21.62
C ARG A 232 -17.20 13.18 -21.37
N VAL A 233 -16.43 12.12 -21.56
CA VAL A 233 -15.00 12.22 -21.18
C VAL A 233 -14.08 12.69 -22.27
N GLY A 234 -14.57 12.73 -23.52
CA GLY A 234 -13.75 13.06 -24.70
C GLY A 234 -13.15 11.83 -25.40
N HIS A 235 -13.68 10.65 -25.13
CA HIS A 235 -13.25 9.45 -25.85
C HIS A 235 -13.91 9.34 -27.23
N GLY A 236 -13.12 9.06 -28.28
CA GLY A 236 -13.69 8.63 -29.59
C GLY A 236 -14.69 7.46 -29.48
N ILE A 237 -15.87 7.62 -30.08
CA ILE A 237 -16.89 6.57 -30.18
C ILE A 237 -17.27 6.43 -31.67
N LYS A 238 -17.40 5.20 -32.17
CA LYS A 238 -17.99 4.94 -33.49
C LYS A 238 -19.27 5.76 -33.66
N MET A 239 -20.11 5.83 -32.60
CA MET A 239 -21.15 6.94 -32.46
C MET A 239 -22.46 6.66 -31.64
N CYS A 257 -32.74 -1.44 -23.69
CA CYS A 257 -32.52 -0.38 -22.58
C CYS A 257 -30.98 -0.30 -22.27
N ASP A 258 -30.52 0.91 -21.85
CA ASP A 258 -29.09 1.24 -21.56
C ASP A 258 -28.70 0.81 -20.14
N ALA A 259 -27.53 0.17 -19.98
CA ALA A 259 -27.04 -0.09 -18.64
C ALA A 259 -26.58 1.23 -17.97
N VAL A 260 -27.09 1.43 -16.76
CA VAL A 260 -26.89 2.66 -15.97
C VAL A 260 -25.54 2.81 -15.23
N PRO A 261 -25.06 4.06 -15.10
CA PRO A 261 -23.77 4.23 -14.48
C PRO A 261 -23.40 3.36 -13.27
N TYR A 262 -24.35 3.07 -12.37
CA TYR A 262 -23.97 2.40 -11.11
C TYR A 262 -23.65 0.91 -11.23
N LEU A 263 -23.95 0.32 -12.38
CA LEU A 263 -23.67 -1.08 -12.63
C LEU A 263 -22.16 -1.34 -12.80
N PHE A 264 -21.41 -0.27 -13.13
CA PHE A 264 -20.04 -0.38 -13.58
C PHE A 264 -19.07 -0.13 -12.43
N LYS A 265 -17.97 -0.89 -12.43
CA LYS A 265 -16.89 -0.75 -11.44
C LYS A 265 -16.39 0.71 -11.51
N LYS A 266 -16.39 1.39 -10.37
CA LYS A 266 -15.83 2.72 -10.30
C LYS A 266 -14.31 2.70 -9.99
N VAL A 267 -13.59 3.68 -10.53
CA VAL A 267 -12.15 3.73 -10.40
C VAL A 267 -11.76 4.51 -9.18
N ARG A 268 -10.53 4.30 -8.78
CA ARG A 268 -9.89 4.88 -7.61
C ARG A 268 -9.71 6.35 -7.81
N ALA A 269 -9.92 7.14 -6.76
CA ALA A 269 -9.47 8.56 -6.82
C ALA A 269 -7.92 8.60 -6.86
N VAL A 270 -7.35 9.61 -7.52
CA VAL A 270 -5.89 9.80 -7.56
C VAL A 270 -5.54 11.12 -6.88
N TYR A 271 -4.60 11.07 -5.95
CA TYR A 271 -4.12 12.24 -5.24
C TYR A 271 -2.71 12.55 -5.68
N THR A 272 -2.43 13.81 -5.91
CA THR A 272 -1.06 14.17 -6.12
C THR A 272 -0.75 15.59 -5.66
N GLU A 273 0.41 15.75 -5.03
CA GLU A 273 0.92 17.05 -4.69
C GLU A 273 1.54 17.59 -5.98
N GLY A 274 0.94 18.64 -6.55
CA GLY A 274 1.53 19.20 -7.78
C GLY A 274 0.68 19.05 -9.03
N GLY A 275 1.35 18.97 -10.19
CA GLY A 275 0.65 18.94 -11.49
C GLY A 275 0.07 17.59 -11.84
N TRP A 276 -0.67 17.54 -12.95
CA TRP A 276 -1.26 16.30 -13.47
C TRP A 276 -0.40 15.74 -14.59
N PHE A 277 -0.85 14.65 -15.20
CA PHE A 277 -0.29 14.14 -16.46
C PHE A 277 -0.47 15.18 -17.53
N GLU A 278 0.50 15.32 -18.41
CA GLU A 278 0.40 16.28 -19.48
C GLU A 278 0.68 15.56 -20.78
N GLU A 279 -0.01 15.97 -21.83
CA GLU A 279 0.29 15.49 -23.16
C GLU A 279 1.80 15.57 -23.45
N GLY A 280 2.33 14.51 -24.06
CA GLY A 280 3.72 14.51 -24.42
C GLY A 280 4.60 13.83 -23.40
N MET A 281 4.12 13.64 -22.18
CA MET A 281 4.89 12.88 -21.17
C MET A 281 5.07 11.41 -21.53
N LYS A 282 6.29 10.96 -21.26
CA LYS A 282 6.66 9.60 -21.52
C LYS A 282 6.51 8.63 -20.32
N LEU A 283 6.17 7.41 -20.67
CA LEU A 283 6.06 6.37 -19.67
C LEU A 283 6.23 4.98 -20.29
N GLU A 284 5.92 3.98 -19.49
CA GLU A 284 5.81 2.60 -19.96
C GLU A 284 4.40 2.10 -19.70
N ALA A 285 3.89 1.30 -20.62
CA ALA A 285 2.52 0.73 -20.61
C ALA A 285 2.48 -0.63 -21.25
N ILE A 286 1.68 -1.51 -20.66
CA ILE A 286 1.37 -2.76 -21.31
C ILE A 286 0.62 -2.38 -22.61
N ASP A 287 1.08 -2.93 -23.74
CA ASP A 287 0.43 -2.86 -25.02
C ASP A 287 -0.85 -3.70 -24.98
N PRO A 288 -2.02 -3.05 -25.10
CA PRO A 288 -3.31 -3.73 -25.17
C PRO A 288 -3.44 -4.74 -26.32
N LEU A 289 -2.76 -4.47 -27.42
CA LEU A 289 -2.77 -5.32 -28.59
C LEU A 289 -1.79 -6.48 -28.46
N ASN A 290 -0.81 -6.35 -27.57
CA ASN A 290 0.22 -7.35 -27.36
C ASN A 290 0.54 -7.36 -25.87
N LEU A 291 -0.26 -8.08 -25.09
CA LEU A 291 -0.14 -8.05 -23.61
C LEU A 291 1.12 -8.70 -22.99
N GLY A 292 1.84 -9.53 -23.75
CA GLY A 292 3.20 -9.93 -23.38
C GLY A 292 4.25 -8.82 -23.36
N ASN A 293 3.90 -7.65 -23.90
CA ASN A 293 4.87 -6.56 -24.04
C ASN A 293 4.56 -5.35 -23.19
N ILE A 294 5.59 -4.90 -22.50
CA ILE A 294 5.57 -3.58 -21.86
C ILE A 294 6.48 -2.61 -22.66
N CYS A 295 5.82 -1.55 -23.16
CA CYS A 295 6.27 -0.65 -24.22
C CYS A 295 6.57 0.78 -23.79
N VAL A 296 7.49 1.43 -24.49
CA VAL A 296 7.73 2.87 -24.39
C VAL A 296 6.50 3.58 -24.96
N ALA A 297 5.94 4.46 -24.13
CA ALA A 297 4.65 5.08 -24.43
C ALA A 297 4.63 6.58 -24.09
N THR A 298 3.60 7.29 -24.56
CA THR A 298 3.44 8.74 -24.41
C THR A 298 1.98 9.03 -24.04
N VAL A 299 1.75 10.02 -23.16
CA VAL A 299 0.42 10.59 -22.96
C VAL A 299 0.01 11.42 -24.18
N CYS A 300 -1.00 10.92 -24.85
CA CYS A 300 -1.38 11.40 -26.16
C CYS A 300 -2.54 12.41 -26.04
N LYS A 301 -3.35 12.27 -25.00
CA LYS A 301 -4.46 13.17 -24.68
C LYS A 301 -4.83 13.00 -23.21
N VAL A 302 -5.12 14.09 -22.52
CA VAL A 302 -5.68 14.07 -21.16
C VAL A 302 -7.20 14.24 -21.27
N LEU A 303 -7.94 13.24 -20.78
CA LEU A 303 -9.40 13.30 -20.78
C LEU A 303 -9.91 13.71 -19.39
N LEU A 304 -11.23 13.73 -19.24
CA LEU A 304 -11.83 14.12 -17.98
C LEU A 304 -11.70 12.94 -17.04
N ASP A 305 -11.94 13.16 -15.75
CA ASP A 305 -12.07 12.08 -14.74
C ASP A 305 -10.84 11.22 -14.44
N GLY A 306 -9.66 11.77 -14.78
CA GLY A 306 -8.40 11.02 -14.67
C GLY A 306 -8.11 10.03 -15.79
N TYR A 307 -8.80 10.12 -16.91
CA TYR A 307 -8.50 9.21 -18.03
C TYR A 307 -7.45 9.77 -19.02
N LEU A 308 -6.71 8.84 -19.64
CA LEU A 308 -5.57 9.17 -20.51
C LEU A 308 -5.63 8.35 -21.78
N MET A 309 -5.36 8.98 -22.91
CA MET A 309 -5.08 8.25 -24.14
C MET A 309 -3.57 8.11 -24.21
N ILE A 310 -3.13 6.88 -24.35
CA ILE A 310 -1.74 6.60 -24.31
C ILE A 310 -1.32 6.06 -25.67
N CYS A 311 -0.17 6.46 -26.19
CA CYS A 311 0.21 5.90 -27.45
C CYS A 311 1.53 5.17 -27.34
N VAL A 312 1.64 4.06 -28.05
CA VAL A 312 2.92 3.35 -28.25
C VAL A 312 3.75 4.06 -29.35
N ASP A 313 5.02 4.33 -29.08
CA ASP A 313 5.89 4.84 -30.16
C ASP A 313 6.87 3.82 -30.77
N ASP A 322 -5.25 3.30 -32.89
CA ASP A 322 -3.93 3.11 -32.26
C ASP A 322 -3.84 3.56 -30.77
N TRP A 323 -4.25 4.78 -30.43
CA TRP A 323 -4.25 5.22 -29.02
C TRP A 323 -5.19 4.32 -28.19
N PHE A 324 -4.92 4.18 -26.88
CA PHE A 324 -5.69 3.34 -25.96
C PHE A 324 -5.91 4.14 -24.68
N CYS A 325 -7.13 4.05 -24.15
CA CYS A 325 -7.49 4.75 -22.91
C CYS A 325 -7.11 3.95 -21.70
N TYR A 326 -6.30 4.54 -20.81
CA TYR A 326 -6.03 3.94 -19.49
C TYR A 326 -6.47 4.98 -18.48
N HIS A 327 -7.09 4.59 -17.39
CA HIS A 327 -7.25 5.49 -16.28
C HIS A 327 -5.90 5.77 -15.60
N ALA A 328 -5.72 6.97 -15.02
CA ALA A 328 -4.46 7.27 -14.29
C ALA A 328 -4.10 6.34 -13.13
N SER A 329 -5.13 5.81 -12.47
CA SER A 329 -5.01 4.75 -11.43
C SER A 329 -4.70 3.32 -11.97
N SER A 330 -4.69 3.15 -13.29
CA SER A 330 -4.47 1.86 -13.90
C SER A 330 -3.13 1.30 -13.42
N HIS A 331 -3.06 -0.01 -13.36
CA HIS A 331 -1.84 -0.70 -13.04
C HIS A 331 -1.14 -1.20 -14.28
N ALA A 332 -1.60 -0.76 -15.44
CA ALA A 332 -1.02 -1.17 -16.70
C ALA A 332 -0.09 -0.06 -17.26
N ILE A 333 0.15 0.99 -16.47
CA ILE A 333 1.06 2.07 -16.82
C ILE A 333 2.04 2.25 -15.68
N PHE A 334 3.26 2.64 -16.02
CA PHE A 334 4.39 2.60 -15.13
C PHE A 334 5.31 3.76 -15.53
N PRO A 335 6.03 4.29 -14.54
CA PRO A 335 6.93 5.37 -14.79
C PRO A 335 8.11 4.86 -15.63
N ALA A 336 8.71 5.74 -16.43
CA ALA A 336 9.94 5.41 -17.20
C ALA A 336 10.97 4.76 -16.29
N THR A 337 11.61 3.71 -16.80
CA THR A 337 12.63 2.91 -16.11
C THR A 337 12.07 1.86 -15.17
N PHE A 338 10.72 1.72 -15.08
CA PHE A 338 10.12 0.60 -14.37
C PHE A 338 10.65 -0.77 -14.78
N CYS A 339 10.76 -1.04 -16.08
CA CYS A 339 11.12 -2.39 -16.56
C CYS A 339 12.58 -2.69 -16.27
N GLN A 340 13.40 -1.66 -16.46
CA GLN A 340 14.84 -1.76 -16.17
C GLN A 340 15.00 -1.99 -14.68
N LYS A 341 14.22 -1.32 -13.84
CA LYS A 341 14.43 -1.49 -12.37
C LYS A 341 14.00 -2.89 -11.85
N ASN A 342 13.21 -3.60 -12.65
CA ASN A 342 12.51 -4.80 -12.25
C ASN A 342 12.79 -6.00 -13.13
N ASP A 343 13.70 -5.87 -14.09
CA ASP A 343 14.22 -7.01 -14.84
C ASP A 343 13.14 -7.57 -15.76
N ILE A 344 12.38 -6.64 -16.36
CA ILE A 344 11.35 -6.92 -17.33
C ILE A 344 11.87 -6.39 -18.70
N GLU A 345 11.72 -7.18 -19.75
CA GLU A 345 12.07 -6.75 -21.11
C GLU A 345 11.17 -5.58 -21.50
N LEU A 346 11.78 -4.45 -21.78
CA LEU A 346 11.09 -3.33 -22.34
C LEU A 346 11.02 -3.48 -23.86
N THR A 347 9.85 -3.21 -24.43
CA THR A 347 9.75 -3.11 -25.91
C THR A 347 10.01 -1.68 -26.42
N PRO A 348 11.16 -1.51 -27.14
CA PRO A 348 11.51 -0.16 -27.54
C PRO A 348 10.64 0.26 -28.73
N PRO A 349 10.68 1.57 -29.09
CA PRO A 349 9.99 2.03 -30.29
C PRO A 349 10.45 1.31 -31.57
N LYS A 350 9.56 1.15 -32.54
CA LYS A 350 9.88 0.56 -33.86
C LYS A 350 11.36 0.65 -34.28
N THR A 356 19.44 -1.21 -28.71
CA THR A 356 19.90 -0.88 -27.37
C THR A 356 19.27 0.44 -26.77
N PHE A 357 17.97 0.38 -26.50
CA PHE A 357 17.20 1.46 -25.86
C PHE A 357 17.83 1.97 -24.56
N ASN A 358 17.82 3.30 -24.37
CA ASN A 358 18.20 3.96 -23.12
C ASN A 358 17.33 5.22 -22.94
N TRP A 359 16.63 5.30 -21.80
CA TRP A 359 15.68 6.37 -21.48
C TRP A 359 16.22 7.79 -21.51
N GLU A 360 17.40 8.00 -20.92
CA GLU A 360 18.02 9.34 -20.90
C GLU A 360 18.33 9.83 -22.28
N ASN A 361 18.85 8.91 -23.09
CA ASN A 361 19.15 9.21 -24.48
C ASN A 361 17.91 9.43 -25.36
N TYR A 362 16.85 8.70 -25.08
CA TYR A 362 15.59 8.81 -25.80
C TYR A 362 14.88 10.16 -25.51
N LEU A 363 14.87 10.53 -24.24
CA LEU A 363 14.22 11.74 -23.77
C LEU A 363 14.93 12.90 -24.37
N GLU A 364 16.25 12.76 -24.45
CA GLU A 364 17.11 13.73 -25.06
C GLU A 364 16.89 13.83 -26.57
N LYS A 365 16.80 12.66 -27.26
CA LYS A 365 16.67 12.70 -28.75
C LYS A 365 15.31 13.31 -29.14
N THR A 366 14.33 13.05 -28.29
CA THR A 366 12.96 13.46 -28.52
C THR A 366 12.56 14.74 -27.74
N LYS A 367 13.50 15.33 -26.98
CA LYS A 367 13.27 16.59 -26.22
C LYS A 367 12.07 16.55 -25.26
N SER A 368 11.86 15.35 -24.72
CA SER A 368 10.73 14.94 -23.92
C SER A 368 11.05 14.91 -22.45
N LYS A 369 9.99 14.90 -21.64
CA LYS A 369 10.12 14.51 -20.24
C LYS A 369 9.35 13.23 -19.90
N ALA A 370 9.88 12.53 -18.89
CA ALA A 370 9.24 11.44 -18.24
C ALA A 370 8.15 12.00 -17.33
N ALA A 371 6.98 11.35 -17.36
CA ALA A 371 5.96 11.50 -16.32
C ALA A 371 6.55 11.15 -14.97
N PRO A 372 6.44 12.09 -14.01
CA PRO A 372 6.96 11.95 -12.65
C PRO A 372 6.38 10.75 -11.97
N SER A 373 7.21 9.97 -11.29
CA SER A 373 6.83 8.84 -10.47
C SER A 373 5.66 9.06 -9.51
N ARG A 374 5.55 10.25 -8.94
CA ARG A 374 4.47 10.56 -7.97
C ARG A 374 3.05 10.48 -8.57
N LEU A 375 2.95 10.48 -9.91
CA LEU A 375 1.68 10.38 -10.65
C LEU A 375 1.13 8.94 -10.72
N PHE A 376 1.97 7.95 -10.49
CA PHE A 376 1.56 6.57 -10.64
C PHE A 376 1.26 6.00 -9.28
N ASN A 377 0.33 5.04 -9.22
CA ASN A 377 0.04 4.37 -7.93
C ASN A 377 0.84 3.10 -7.61
N HIS A 383 -0.59 -9.70 -1.54
CA HIS A 383 -1.76 -10.24 -2.25
C HIS A 383 -1.78 -11.78 -2.29
N GLY A 384 -0.59 -12.40 -2.23
CA GLY A 384 -0.44 -13.86 -2.03
C GLY A 384 -0.16 -14.71 -3.28
N PHE A 385 0.12 -14.08 -4.43
CA PHE A 385 0.48 -14.86 -5.62
C PHE A 385 1.95 -15.21 -5.63
N LYS A 386 2.28 -16.42 -6.04
CA LYS A 386 3.70 -16.83 -6.07
C LYS A 386 3.96 -17.55 -7.35
N VAL A 387 5.18 -17.38 -7.82
CA VAL A 387 5.63 -18.07 -8.99
C VAL A 387 5.30 -19.57 -8.85
N GLY A 388 4.69 -20.11 -9.89
CA GLY A 388 4.42 -21.55 -9.96
C GLY A 388 2.99 -21.92 -9.64
N MET A 389 2.22 -20.96 -9.11
CA MET A 389 0.84 -21.19 -8.74
C MET A 389 -0.05 -21.39 -9.97
N LYS A 390 -0.96 -22.35 -9.84
CA LYS A 390 -1.97 -22.63 -10.88
C LYS A 390 -3.24 -21.80 -10.69
N LEU A 391 -3.91 -21.56 -11.80
CA LEU A 391 -5.12 -20.76 -11.87
C LEU A 391 -5.76 -20.95 -13.23
N GLU A 392 -6.92 -20.33 -13.42
CA GLU A 392 -7.54 -20.30 -14.74
C GLU A 392 -7.51 -18.86 -15.31
N ALA A 393 -6.98 -18.69 -16.53
CA ALA A 393 -6.80 -17.40 -17.07
C ALA A 393 -7.49 -17.30 -18.40
N VAL A 394 -8.21 -16.20 -18.58
CA VAL A 394 -8.72 -15.77 -19.85
C VAL A 394 -7.56 -15.54 -20.83
N ASP A 395 -7.66 -16.09 -22.04
CA ASP A 395 -6.75 -15.68 -23.15
C ASP A 395 -7.29 -14.37 -23.75
N LEU A 396 -6.70 -13.23 -23.36
CA LEU A 396 -7.33 -11.92 -23.66
C LEU A 396 -7.32 -11.54 -25.14
N MET A 397 -6.47 -12.22 -25.90
CA MET A 397 -6.45 -12.24 -27.38
C MET A 397 -7.69 -12.95 -27.99
N GLU A 398 -8.16 -14.05 -27.39
CA GLU A 398 -9.49 -14.67 -27.69
C GLU A 398 -10.29 -14.87 -26.37
N PRO A 399 -10.98 -13.83 -25.86
CA PRO A 399 -11.47 -13.89 -24.45
C PRO A 399 -12.60 -14.87 -24.12
N ARG A 400 -13.13 -15.56 -25.13
CA ARG A 400 -14.07 -16.63 -24.88
C ARG A 400 -13.39 -17.80 -24.18
N LEU A 401 -12.08 -17.92 -24.35
CA LEU A 401 -11.27 -19.02 -23.87
C LEU A 401 -10.69 -18.72 -22.50
N ILE A 402 -10.96 -19.62 -21.55
CA ILE A 402 -10.36 -19.60 -20.23
C ILE A 402 -9.56 -20.92 -20.08
N CYS A 403 -8.30 -20.81 -19.65
CA CYS A 403 -7.31 -21.87 -19.85
C CYS A 403 -6.53 -22.12 -18.59
N VAL A 404 -6.10 -23.35 -18.38
CA VAL A 404 -5.10 -23.67 -17.37
C VAL A 404 -3.90 -22.76 -17.53
N ALA A 405 -3.51 -22.15 -16.43
CA ALA A 405 -2.42 -21.23 -16.46
C ALA A 405 -1.64 -21.32 -15.18
N THR A 406 -0.47 -20.67 -15.22
CA THR A 406 0.54 -20.65 -14.15
C THR A 406 1.00 -19.20 -14.03
N VAL A 407 1.24 -18.74 -12.80
CA VAL A 407 1.90 -17.45 -12.56
C VAL A 407 3.38 -17.65 -12.89
N LYS A 408 3.84 -17.01 -13.94
CA LYS A 408 5.25 -17.10 -14.32
C LYS A 408 6.16 -16.08 -13.61
N ARG A 409 5.70 -14.85 -13.41
CA ARG A 409 6.46 -13.78 -12.71
C ARG A 409 5.55 -13.10 -11.72
N VAL A 410 6.08 -12.60 -10.60
CA VAL A 410 5.35 -11.73 -9.73
C VAL A 410 6.31 -10.61 -9.53
N VAL A 411 5.91 -9.39 -9.91
CA VAL A 411 6.74 -8.18 -9.81
C VAL A 411 5.82 -7.20 -9.17
N HIS A 412 5.86 -7.11 -7.85
CA HIS A 412 4.94 -6.25 -7.09
C HIS A 412 3.47 -6.57 -7.32
N ARG A 413 2.75 -5.71 -8.03
CA ARG A 413 1.32 -5.92 -8.35
C ARG A 413 1.16 -6.72 -9.65
N LEU A 414 2.20 -6.76 -10.48
CA LEU A 414 2.11 -7.29 -11.84
C LEU A 414 2.33 -8.80 -11.88
N LEU A 415 1.47 -9.51 -12.62
CA LEU A 415 1.70 -10.93 -12.91
C LEU A 415 1.99 -11.19 -14.38
N SER A 416 2.92 -12.11 -14.64
CA SER A 416 3.05 -12.69 -15.96
C SER A 416 2.39 -14.06 -15.84
N ILE A 417 1.41 -14.29 -16.70
CA ILE A 417 0.59 -15.49 -16.67
C ILE A 417 1.06 -16.26 -17.87
N HIS A 418 1.37 -17.53 -17.65
CA HIS A 418 1.76 -18.40 -18.74
C HIS A 418 0.66 -19.43 -18.99
N PHE A 419 0.23 -19.60 -20.23
CA PHE A 419 -0.72 -20.66 -20.60
C PHE A 419 0.01 -21.98 -20.80
N ASP A 420 -0.33 -22.96 -19.98
CA ASP A 420 0.39 -24.24 -19.95
C ASP A 420 0.22 -24.89 -21.31
N GLY A 421 1.32 -25.33 -21.91
CA GLY A 421 1.30 -25.94 -23.24
C GLY A 421 1.53 -25.02 -24.41
N TRP A 422 1.35 -23.72 -24.20
CA TRP A 422 1.50 -22.71 -25.22
C TRP A 422 2.89 -22.04 -25.19
N ASP A 423 3.26 -21.44 -26.31
CA ASP A 423 4.58 -20.85 -26.43
C ASP A 423 4.71 -19.58 -25.58
N SER A 424 5.93 -19.20 -25.22
CA SER A 424 6.08 -18.07 -24.28
C SER A 424 5.62 -16.73 -24.83
N GLU A 425 5.66 -16.57 -26.14
CA GLU A 425 5.06 -15.39 -26.78
C GLU A 425 3.60 -15.15 -26.40
N TYR A 426 2.92 -16.19 -25.90
CA TYR A 426 1.52 -16.05 -25.59
C TYR A 426 1.28 -15.53 -24.16
N ASP A 427 2.35 -15.36 -23.37
CA ASP A 427 2.28 -14.87 -21.99
C ASP A 427 1.64 -13.49 -21.85
N GLN A 428 0.95 -13.21 -20.74
CA GLN A 428 0.23 -11.95 -20.59
C GLN A 428 0.59 -11.29 -19.27
N TRP A 429 0.86 -10.00 -19.33
CA TRP A 429 1.01 -9.20 -18.13
C TRP A 429 -0.37 -8.68 -17.67
N VAL A 430 -0.67 -8.88 -16.40
CA VAL A 430 -1.93 -8.47 -15.85
C VAL A 430 -1.66 -8.07 -14.42
N ASP A 431 -2.48 -7.20 -13.87
CA ASP A 431 -2.36 -6.84 -12.47
C ASP A 431 -2.86 -8.00 -11.61
N CYS A 432 -2.36 -8.10 -10.39
CA CYS A 432 -2.86 -9.13 -9.46
C CYS A 432 -4.38 -9.07 -9.19
N GLU A 433 -5.00 -7.90 -9.29
CA GLU A 433 -6.43 -7.74 -9.12
C GLU A 433 -7.25 -7.71 -10.42
N SER A 434 -6.59 -8.02 -11.56
CA SER A 434 -7.33 -8.30 -12.80
C SER A 434 -8.57 -9.25 -12.63
N PRO A 435 -9.74 -8.84 -13.18
CA PRO A 435 -10.96 -9.63 -13.19
C PRO A 435 -10.94 -10.77 -14.23
N ASP A 436 -9.82 -10.96 -14.92
CA ASP A 436 -9.70 -11.98 -15.98
C ASP A 436 -8.80 -13.14 -15.58
N ILE A 437 -8.53 -13.23 -14.30
CA ILE A 437 -7.89 -14.45 -13.74
C ILE A 437 -8.78 -15.05 -12.65
N TYR A 438 -8.77 -16.37 -12.47
CA TYR A 438 -9.80 -17.07 -11.65
C TYR A 438 -9.08 -18.20 -10.97
N PRO A 439 -9.60 -18.65 -9.82
CA PRO A 439 -9.04 -19.80 -9.09
C PRO A 439 -9.30 -21.10 -9.79
N VAL A 440 -8.45 -22.07 -9.54
CA VAL A 440 -8.75 -23.48 -9.88
C VAL A 440 -10.18 -23.80 -9.40
N GLY A 441 -10.99 -24.38 -10.29
CA GLY A 441 -12.32 -24.84 -9.93
C GLY A 441 -13.41 -23.86 -10.30
N TRP A 442 -13.03 -22.65 -10.68
CA TRP A 442 -13.94 -21.61 -11.07
C TRP A 442 -14.79 -21.94 -12.28
N CYS A 443 -14.18 -22.43 -13.36
CA CYS A 443 -14.97 -22.85 -14.51
C CYS A 443 -15.92 -23.97 -14.12
N GLU A 444 -15.52 -24.83 -13.21
CA GLU A 444 -16.41 -25.93 -12.77
C GLU A 444 -17.59 -25.37 -11.98
N LEU A 445 -17.31 -24.41 -11.11
CA LEU A 445 -18.32 -23.80 -10.25
C LEU A 445 -19.43 -23.06 -11.00
N THR A 446 -19.05 -22.35 -12.06
CA THR A 446 -19.96 -21.45 -12.80
C THR A 446 -20.60 -22.17 -14.00
N GLY A 447 -20.02 -23.26 -14.44
CA GLY A 447 -20.54 -23.92 -15.60
C GLY A 447 -19.78 -23.56 -16.86
N TYR A 448 -18.69 -22.81 -16.73
CA TYR A 448 -17.92 -22.40 -17.91
C TYR A 448 -16.99 -23.53 -18.38
N GLN A 449 -16.72 -23.58 -19.67
CA GLN A 449 -15.77 -24.56 -20.21
C GLN A 449 -14.29 -24.10 -20.09
N LEU A 450 -13.47 -25.00 -19.56
CA LEU A 450 -12.03 -24.74 -19.36
C LEU A 450 -11.24 -25.35 -20.53
N GLN A 451 -10.26 -24.63 -21.06
CA GLN A 451 -9.42 -25.22 -22.10
C GLN A 451 -8.26 -25.97 -21.48
N PRO A 452 -8.05 -27.25 -21.85
CA PRO A 452 -6.91 -27.99 -21.28
C PRO A 452 -5.52 -27.48 -21.73
N PRO A 453 -4.42 -27.87 -21.01
CA PRO A 453 -3.07 -27.71 -21.59
C PRO A 453 -2.96 -28.61 -22.84
N ASP B 22 30.45 15.39 35.93
CA ASP B 22 29.91 14.97 37.26
C ASP B 22 29.15 16.14 37.91
N ALA B 23 29.83 17.27 38.02
CA ALA B 23 29.17 18.58 38.16
C ALA B 23 28.41 18.92 36.88
N LEU B 24 28.92 18.49 35.73
CA LEU B 24 28.38 18.96 34.46
C LEU B 24 27.29 18.09 33.93
N VAL B 25 26.06 18.53 34.13
CA VAL B 25 24.88 17.81 33.71
C VAL B 25 24.30 18.47 32.50
N LEU B 26 24.54 17.84 31.35
CA LEU B 26 24.08 18.31 30.07
C LEU B 26 22.86 17.54 29.62
N GLY B 27 22.31 16.77 30.55
CA GLY B 27 21.05 16.07 30.29
C GLY B 27 21.28 14.91 29.34
N PHE B 28 20.27 14.66 28.51
CA PHE B 28 20.09 13.37 27.87
C PHE B 28 21.07 13.17 26.71
N ASP B 29 21.79 12.04 26.75
CA ASP B 29 22.70 11.67 25.70
C ASP B 29 22.19 10.51 24.86
N TRP B 30 22.02 10.67 23.55
CA TRP B 30 21.60 9.53 22.73
C TRP B 30 22.70 8.47 22.61
N GLY B 31 23.93 8.89 22.70
CA GLY B 31 25.05 8.05 22.47
C GLY B 31 25.05 6.97 23.49
N LYS B 32 25.09 7.36 24.77
CA LYS B 32 24.95 6.41 25.88
C LYS B 32 23.65 5.58 25.80
N PHE B 33 22.55 6.24 25.45
CA PHE B 33 21.27 5.55 25.41
C PHE B 33 21.23 4.43 24.37
N LEU B 34 21.75 4.68 23.15
CA LEU B 34 21.62 3.74 22.07
C LEU B 34 22.62 2.62 22.25
N LYS B 35 23.80 2.97 22.74
CA LYS B 35 24.85 2.00 23.10
C LYS B 35 24.42 0.96 24.13
N ASP B 36 24.01 1.41 25.30
CA ASP B 36 23.73 0.55 26.45
C ASP B 36 22.52 -0.36 26.20
N HIS B 37 21.58 0.13 25.39
CA HIS B 37 20.40 -0.66 25.06
C HIS B 37 20.51 -1.38 23.72
N SER B 38 21.61 -1.12 22.96
CA SER B 38 21.76 -1.71 21.60
C SER B 38 20.58 -1.34 20.66
N TYR B 39 20.04 -0.15 20.84
CA TYR B 39 18.96 0.32 20.01
C TYR B 39 19.38 0.73 18.59
N LYS B 40 18.42 0.67 17.65
CA LYS B 40 18.55 1.27 16.27
C LYS B 40 17.72 2.50 16.11
N ALA B 41 18.28 3.51 15.45
CA ALA B 41 17.54 4.69 15.15
C ALA B 41 16.99 4.65 13.74
N ALA B 42 15.83 5.24 13.52
CA ALA B 42 15.36 5.52 12.16
C ALA B 42 16.30 6.48 11.46
N PRO B 43 16.71 6.15 10.22
CA PRO B 43 17.63 6.99 9.49
C PRO B 43 17.05 8.29 9.00
N VAL B 44 17.91 9.26 8.76
CA VAL B 44 17.44 10.54 8.20
C VAL B 44 16.59 10.42 6.93
N SER B 45 16.87 9.39 6.11
CA SER B 45 16.16 9.15 4.86
C SER B 45 14.67 8.77 5.03
N CYS B 46 14.24 8.54 6.28
CA CYS B 46 12.80 8.32 6.61
C CYS B 46 11.99 9.62 6.69
N PHE B 47 12.67 10.77 6.77
CA PHE B 47 12.07 12.02 7.16
C PHE B 47 12.28 13.11 6.10
N LYS B 48 11.30 13.27 5.20
CA LYS B 48 11.38 14.27 4.09
C LYS B 48 11.44 15.74 4.47
N HIS B 49 11.00 16.06 5.67
CA HIS B 49 10.78 17.44 6.10
C HIS B 49 11.96 17.98 6.88
N VAL B 50 13.05 17.20 7.00
CA VAL B 50 14.16 17.57 7.85
C VAL B 50 15.42 18.08 7.12
N PRO B 51 16.22 18.93 7.79
CA PRO B 51 17.45 19.36 7.20
C PRO B 51 18.28 18.15 6.80
N LEU B 52 19.03 18.31 5.70
CA LEU B 52 20.01 17.33 5.25
C LEU B 52 19.36 16.13 4.59
N TYR B 53 18.05 16.13 4.49
CA TYR B 53 17.36 15.00 3.91
C TYR B 53 17.78 14.80 2.43
N ASP B 54 17.85 15.89 1.66
CA ASP B 54 18.24 15.90 0.25
C ASP B 54 19.71 15.55 0.02
N GLN B 55 20.48 15.42 1.10
CA GLN B 55 21.91 15.19 0.99
C GLN B 55 22.36 13.90 1.66
N TRP B 56 21.41 13.10 2.19
CA TRP B 56 21.74 11.92 2.98
C TRP B 56 22.19 10.69 2.20
N GLU B 57 21.84 10.60 0.91
CA GLU B 57 22.27 9.46 0.07
C GLU B 57 23.78 9.19 0.19
N ASP B 58 24.53 10.31 0.37
CA ASP B 58 25.98 10.39 0.62
C ASP B 58 26.56 9.99 2.00
N VAL B 59 25.75 9.96 3.05
CA VAL B 59 26.29 9.58 4.37
C VAL B 59 26.14 8.09 4.62
N MET B 60 27.27 7.40 4.90
CA MET B 60 27.24 5.97 5.14
C MET B 60 28.46 5.44 5.83
N LYS B 61 28.37 4.18 6.22
CA LYS B 61 29.38 3.51 7.00
C LYS B 61 30.66 3.48 6.19
N GLY B 62 31.75 3.86 6.82
CA GLY B 62 33.03 3.79 6.21
C GLY B 62 33.45 5.11 5.63
N MET B 63 32.51 6.06 5.57
CA MET B 63 32.77 7.42 5.07
C MET B 63 33.85 8.11 5.93
N LYS B 64 34.76 8.81 5.24
CA LYS B 64 35.85 9.49 5.90
C LYS B 64 35.58 10.96 6.07
N VAL B 65 35.91 11.47 7.25
CA VAL B 65 35.83 12.94 7.53
C VAL B 65 37.04 13.50 8.27
N GLU B 66 37.25 14.82 8.18
CA GLU B 66 38.16 15.62 9.04
C GLU B 66 37.42 16.21 10.21
N VAL B 67 37.90 15.88 11.39
CA VAL B 67 37.32 16.31 12.65
C VAL B 67 38.40 16.77 13.60
N LEU B 68 37.98 17.50 14.62
CA LEU B 68 38.91 18.03 15.62
C LEU B 68 39.53 16.80 16.36
N ASN B 69 40.84 16.84 16.57
CA ASN B 69 41.49 15.85 17.38
C ASN B 69 41.28 16.30 18.80
N SER B 70 40.59 15.47 19.58
CA SER B 70 40.30 15.82 20.97
C SER B 70 41.42 15.39 21.92
N ASP B 71 42.21 14.38 21.51
CA ASP B 71 43.34 13.81 22.33
C ASP B 71 44.42 14.87 22.63
N ARG B 77 43.73 24.10 17.91
CA ARG B 77 42.84 23.18 17.19
C ARG B 77 43.65 22.48 16.10
N VAL B 78 43.79 21.19 16.29
CA VAL B 78 44.44 20.35 15.33
C VAL B 78 43.41 19.31 14.93
N TYR B 79 43.56 18.70 13.76
CA TYR B 79 42.53 17.84 13.24
C TYR B 79 43.05 16.46 13.01
N TRP B 80 42.14 15.51 12.82
CA TRP B 80 42.55 14.18 12.35
C TRP B 80 41.46 13.62 11.41
N ILE B 81 41.66 12.44 10.84
CA ILE B 81 40.67 11.81 9.98
C ILE B 81 40.00 10.68 10.78
N ALA B 82 38.68 10.59 10.64
CA ALA B 82 37.88 9.57 11.30
C ALA B 82 36.95 8.92 10.28
N SER B 83 36.54 7.70 10.53
CA SER B 83 35.60 7.07 9.62
C SER B 83 34.39 6.64 10.39
N VAL B 84 33.22 6.66 9.73
CA VAL B 84 31.91 6.33 10.29
C VAL B 84 31.79 4.79 10.55
N ILE B 85 31.53 4.43 11.80
CA ILE B 85 31.41 3.06 12.26
C ILE B 85 29.92 2.72 12.33
N GLN B 86 29.08 3.69 12.72
CA GLN B 86 27.67 3.46 12.88
C GLN B 86 26.94 4.80 12.60
N THR B 87 25.72 4.74 12.09
CA THR B 87 24.92 5.91 11.92
C THR B 87 23.68 5.77 12.77
N ALA B 88 23.35 6.81 13.54
CA ALA B 88 22.03 6.86 14.17
C ALA B 88 21.34 8.23 13.99
N GLY B 89 20.34 8.32 13.11
CA GLY B 89 19.78 9.61 12.71
C GLY B 89 20.95 10.46 12.19
N TYR B 90 21.04 11.72 12.65
CA TYR B 90 22.13 12.64 12.30
C TYR B 90 23.47 12.36 12.93
N ARG B 91 23.50 11.49 13.93
CA ARG B 91 24.70 11.28 14.70
C ARG B 91 25.52 10.18 14.07
N VAL B 92 26.83 10.40 13.91
CA VAL B 92 27.64 9.22 13.50
C VAL B 92 28.66 8.87 14.57
N LEU B 93 28.89 7.57 14.76
CA LEU B 93 29.97 7.07 15.57
C LEU B 93 31.21 6.96 14.74
N LEU B 94 32.25 7.69 15.17
CA LEU B 94 33.49 7.88 14.48
C LEU B 94 34.68 7.14 15.15
N ARG B 95 35.58 6.61 14.35
CA ARG B 95 36.80 6.03 14.84
C ARG B 95 37.94 6.78 14.20
N TYR B 96 38.83 7.34 15.00
CA TYR B 96 39.99 8.04 14.42
C TYR B 96 40.82 7.04 13.64
N GLU B 97 41.38 7.47 12.51
CA GLU B 97 42.19 6.60 11.67
C GLU B 97 43.44 6.24 12.41
N GLY B 98 43.84 4.97 12.37
CA GLY B 98 44.96 4.47 13.10
C GLY B 98 44.58 3.55 14.21
N PHE B 99 43.37 3.68 14.72
CA PHE B 99 42.90 2.81 15.80
C PHE B 99 42.56 1.40 15.32
N GLU B 100 42.17 1.31 14.05
CA GLU B 100 41.92 0.03 13.39
C GLU B 100 40.73 -0.72 13.99
N ASN B 101 40.99 -1.69 14.84
CA ASN B 101 39.96 -2.48 15.52
C ASN B 101 39.80 -2.06 16.98
N ASP B 102 40.68 -1.18 17.47
CA ASP B 102 40.56 -0.66 18.81
C ASP B 102 39.39 0.34 18.88
N ALA B 103 38.26 -0.14 19.42
CA ALA B 103 37.01 0.63 19.53
C ALA B 103 36.96 1.57 20.74
N SER B 104 37.96 1.51 21.59
CA SER B 104 37.88 2.19 22.87
C SER B 104 37.75 3.72 22.82
N HIS B 105 38.10 4.34 21.69
CA HIS B 105 38.06 5.81 21.56
C HIS B 105 37.01 6.32 20.57
N ASP B 106 36.03 5.48 20.24
CA ASP B 106 34.99 5.81 19.30
C ASP B 106 34.21 6.96 19.89
N PHE B 107 33.72 7.89 19.05
CA PHE B 107 33.07 9.07 19.58
C PHE B 107 31.94 9.49 18.65
N TRP B 108 30.93 10.07 19.23
CA TRP B 108 29.78 10.51 18.45
C TRP B 108 29.97 11.87 17.89
N CYS B 109 29.48 12.06 16.67
CA CYS B 109 29.48 13.32 16.02
C CYS B 109 28.10 13.58 15.36
N ASN B 110 27.50 14.73 15.57
CA ASN B 110 26.30 15.13 14.83
C ASN B 110 26.71 15.85 13.54
N LEU B 111 26.29 15.34 12.40
CA LEU B 111 26.80 15.82 11.12
C LEU B 111 26.22 17.20 10.77
N GLY B 112 25.35 17.74 11.61
CA GLY B 112 24.95 19.13 11.45
C GLY B 112 25.91 20.10 12.11
N THR B 113 26.97 19.63 12.77
CA THR B 113 27.86 20.55 13.44
C THR B 113 28.96 21.10 12.55
N VAL B 114 29.63 22.15 13.03
CA VAL B 114 30.52 22.93 12.19
C VAL B 114 31.85 22.29 11.90
N ASP B 115 32.42 21.59 12.89
CA ASP B 115 33.78 21.05 12.74
C ASP B 115 33.82 19.60 12.26
N VAL B 116 32.92 19.24 11.34
CA VAL B 116 33.02 17.99 10.62
C VAL B 116 33.23 18.48 9.23
N HIS B 117 34.24 17.94 8.56
CA HIS B 117 34.59 18.45 7.24
C HIS B 117 34.94 17.34 6.25
N PRO B 118 34.91 17.63 4.94
CA PRO B 118 35.35 16.63 3.96
C PRO B 118 36.88 16.58 3.97
N ILE B 119 37.47 15.46 3.59
CA ILE B 119 38.92 15.36 3.39
C ILE B 119 39.35 16.45 2.39
N GLY B 120 40.46 17.14 2.68
CA GLY B 120 40.87 18.25 1.83
C GLY B 120 40.67 19.57 2.52
N TRP B 121 39.77 19.58 3.49
CA TRP B 121 39.40 20.82 4.17
C TRP B 121 40.57 21.47 4.94
N CYS B 122 41.34 20.69 5.67
CA CYS B 122 42.54 21.21 6.39
C CYS B 122 43.60 21.87 5.50
N ALA B 123 43.83 21.27 4.33
CA ALA B 123 44.79 21.77 3.35
C ALA B 123 44.35 23.11 2.78
N ILE B 124 43.06 23.19 2.44
CA ILE B 124 42.46 24.39 1.89
C ILE B 124 42.55 25.50 2.93
N ASN B 125 42.41 25.13 4.19
CA ASN B 125 42.23 26.10 5.28
C ASN B 125 43.44 26.32 6.15
N SER B 126 44.59 25.78 5.74
CA SER B 126 45.85 25.96 6.41
C SER B 126 45.83 25.39 7.84
N LYS B 127 45.11 24.27 7.99
CA LYS B 127 45.08 23.54 9.24
C LYS B 127 46.00 22.32 9.18
N ILE B 128 46.43 21.81 10.34
CA ILE B 128 47.30 20.64 10.38
C ILE B 128 46.63 19.36 10.94
N LEU B 129 46.94 18.22 10.32
CA LEU B 129 46.46 16.94 10.82
C LEU B 129 47.48 16.39 11.80
N VAL B 130 47.04 16.09 13.02
CA VAL B 130 47.89 15.53 14.10
C VAL B 130 47.26 14.28 14.65
N PRO B 131 48.03 13.18 14.75
CA PRO B 131 47.48 11.90 15.19
C PRO B 131 47.16 12.03 16.65
N PRO B 132 46.07 11.40 17.10
CA PRO B 132 45.72 11.40 18.55
C PRO B 132 46.89 10.81 19.34
N ARG B 133 47.04 11.23 20.57
CA ARG B 133 48.20 10.88 21.33
C ARG B 133 48.24 9.39 21.68
N THR B 134 47.10 8.77 21.81
CA THR B 134 47.04 7.37 22.19
C THR B 134 47.77 6.49 21.20
N ILE B 135 47.69 6.87 19.93
CA ILE B 135 48.24 6.07 18.85
C ILE B 135 49.35 6.72 18.08
N HIS B 136 49.76 7.94 18.42
CA HIS B 136 50.84 8.68 17.70
C HIS B 136 52.09 7.82 17.35
N ALA B 137 52.47 6.89 18.23
CA ALA B 137 53.69 6.07 17.98
C ALA B 137 53.47 4.76 17.19
N LYS B 138 52.27 4.52 16.70
CA LYS B 138 52.00 3.34 15.89
C LYS B 138 52.87 3.35 14.64
N PHE B 139 53.01 4.51 13.99
CA PHE B 139 53.75 4.62 12.69
C PHE B 139 54.61 5.86 12.69
N THR B 140 55.59 5.90 11.79
CA THR B 140 56.27 7.13 11.51
C THR B 140 55.63 7.78 10.29
N ASP B 141 55.42 6.98 9.24
CA ASP B 141 54.87 7.53 7.99
C ASP B 141 53.34 7.51 8.05
N TRP B 142 52.79 8.53 8.68
CA TRP B 142 51.37 8.63 8.89
C TRP B 142 50.73 9.06 7.62
N LYS B 143 51.44 9.83 6.84
CA LYS B 143 50.92 10.31 5.60
C LYS B 143 50.72 9.16 4.65
N GLY B 144 51.73 8.30 4.55
CA GLY B 144 51.63 7.04 3.78
C GLY B 144 50.51 6.15 4.27
N TYR B 145 50.33 6.05 5.58
CA TYR B 145 49.32 5.16 6.11
C TYR B 145 47.95 5.66 5.70
N LEU B 146 47.75 6.96 5.88
CA LEU B 146 46.50 7.62 5.55
C LEU B 146 46.19 7.53 4.07
N MET B 147 47.16 7.81 3.23
CA MET B 147 47.01 7.69 1.78
C MET B 147 46.42 6.36 1.37
N LYS B 148 46.87 5.29 2.03
CA LYS B 148 46.39 3.94 1.77
C LYS B 148 44.97 3.69 2.27
N ARG B 149 44.61 4.28 3.40
CA ARG B 149 43.27 4.11 3.95
C ARG B 149 42.20 4.89 3.16
N LEU B 150 42.64 5.88 2.39
CA LEU B 150 41.77 6.82 1.66
C LEU B 150 41.43 6.44 0.23
N VAL B 151 42.19 5.51 -0.33
CA VAL B 151 41.98 5.04 -1.69
C VAL B 151 40.58 4.41 -1.84
N GLY B 152 39.80 4.91 -2.82
CA GLY B 152 38.44 4.44 -2.96
C GLY B 152 37.49 4.75 -1.80
N SER B 153 37.82 5.74 -0.98
CA SER B 153 36.96 6.10 0.11
C SER B 153 36.08 7.25 -0.34
N ARG B 154 35.04 7.51 0.41
CA ARG B 154 34.29 8.72 0.15
C ARG B 154 34.12 9.57 1.42
N THR B 155 33.74 10.81 1.21
CA THR B 155 33.70 11.77 2.27
C THR B 155 32.44 12.60 2.10
N LEU B 156 32.27 13.62 2.93
CA LEU B 156 31.15 14.51 2.82
C LEU B 156 31.15 15.24 1.47
N PRO B 157 29.97 15.47 0.88
CA PRO B 157 29.88 16.33 -0.31
C PRO B 157 30.46 17.71 0.00
N VAL B 158 30.98 18.39 -1.03
CA VAL B 158 31.49 19.74 -0.77
C VAL B 158 30.26 20.67 -0.51
N ASP B 159 30.38 21.57 0.47
CA ASP B 159 29.25 22.43 0.84
C ASP B 159 28.07 21.68 1.49
N PHE B 160 28.36 20.56 2.15
CA PHE B 160 27.38 19.85 2.94
C PHE B 160 26.75 20.82 3.96
N HIS B 161 27.60 21.53 4.67
CA HIS B 161 27.10 22.39 5.74
C HIS B 161 26.50 23.67 5.21
N ILE B 162 27.03 24.19 4.11
CA ILE B 162 26.51 25.38 3.42
C ILE B 162 25.10 25.21 2.89
N LYS B 163 24.91 24.12 2.17
CA LYS B 163 23.63 23.70 1.71
C LYS B 163 22.70 23.43 2.87
N MET B 164 23.18 22.87 3.97
CA MET B 164 22.34 22.81 5.15
C MET B 164 21.92 24.17 5.74
N VAL B 165 22.81 25.14 5.78
CA VAL B 165 22.39 26.36 6.41
C VAL B 165 21.42 27.12 5.53
N GLU B 166 21.48 26.89 4.21
CA GLU B 166 20.57 27.57 3.30
C GLU B 166 19.15 27.01 3.36
N SER B 167 19.05 25.68 3.39
CA SER B 167 17.79 24.98 3.64
C SER B 167 17.03 25.44 4.91
N MET B 168 17.76 25.92 5.92
CA MET B 168 17.15 26.30 7.21
C MET B 168 16.88 27.78 7.37
N LYS B 169 16.88 28.50 6.25
CA LYS B 169 16.35 29.84 6.23
C LYS B 169 14.91 29.61 5.84
N TYR B 170 14.03 29.71 6.83
CA TYR B 170 12.65 29.29 6.60
C TYR B 170 11.79 30.39 5.98
N PRO B 171 10.93 29.99 5.01
CA PRO B 171 9.98 30.94 4.37
C PRO B 171 8.93 31.52 5.31
N PHE B 172 8.80 30.96 6.52
CA PHE B 172 7.98 31.57 7.58
C PHE B 172 8.92 32.32 8.51
N ARG B 173 8.48 33.47 8.97
CA ARG B 173 9.29 34.35 9.80
C ARG B 173 8.41 34.90 10.93
N GLN B 174 9.06 35.47 11.95
CA GLN B 174 8.37 36.24 12.98
C GLN B 174 7.45 37.30 12.34
N GLY B 175 6.25 37.52 13.07
CA GLY B 175 5.29 38.52 12.58
C GLY B 175 4.40 38.14 11.38
N MET B 176 4.37 36.81 11.01
CA MET B 176 3.49 36.42 9.91
C MET B 176 2.13 35.92 10.44
N ARG B 177 1.07 36.54 9.82
CA ARG B 177 -0.32 36.34 10.23
C ARG B 177 -0.88 35.12 9.39
N LEU B 178 -1.54 34.22 10.12
CA LEU B 178 -2.05 32.93 9.52
C LEU B 178 -3.22 32.33 10.34
N GLU B 179 -3.89 31.23 9.85
CA GLU B 179 -5.00 30.69 10.61
C GLU B 179 -4.52 29.34 11.10
N VAL B 180 -4.89 29.01 12.33
CA VAL B 180 -4.59 27.73 12.89
C VAL B 180 -5.85 27.14 13.54
N VAL B 181 -6.11 25.83 13.41
CA VAL B 181 -7.22 25.24 14.17
C VAL B 181 -7.12 25.50 15.70
N ASP B 182 -8.26 25.85 16.26
CA ASP B 182 -8.41 26.20 17.65
C ASP B 182 -8.38 24.91 18.46
N LYS B 183 -7.33 24.71 19.26
CA LYS B 183 -7.11 23.47 20.04
C LYS B 183 -8.27 23.20 21.02
N SER B 184 -8.90 24.28 21.49
CA SER B 184 -10.00 24.19 22.46
C SER B 184 -11.35 24.03 21.76
N GLN B 185 -11.36 24.26 20.44
CA GLN B 185 -12.57 24.06 19.63
C GLN B 185 -12.20 23.70 18.19
N VAL B 186 -11.82 22.44 17.96
CA VAL B 186 -11.16 22.02 16.70
C VAL B 186 -12.03 22.18 15.44
N SER B 187 -13.26 22.63 15.65
CA SER B 187 -14.25 22.76 14.58
C SER B 187 -14.13 24.11 13.92
N ARG B 188 -13.26 24.96 14.47
CA ARG B 188 -13.00 26.28 13.92
C ARG B 188 -11.49 26.64 13.93
N THR B 189 -11.14 27.59 13.10
CA THR B 189 -9.78 28.14 13.06
C THR B 189 -9.76 29.45 13.88
N ARG B 190 -8.61 30.15 13.90
CA ARG B 190 -8.29 31.17 14.88
C ARG B 190 -7.06 31.86 14.32
N MET B 191 -7.06 33.19 14.36
CA MET B 191 -5.93 34.00 13.90
C MET B 191 -4.74 33.90 14.86
N ALA B 192 -3.51 33.85 14.29
CA ALA B 192 -2.30 33.71 15.10
C ALA B 192 -1.16 34.47 14.40
N VAL B 193 -0.19 34.86 15.21
CA VAL B 193 0.98 35.52 14.74
C VAL B 193 2.15 34.54 14.95
N VAL B 194 3.01 34.41 14.01
CA VAL B 194 4.22 33.42 14.11
C VAL B 194 5.27 34.10 15.03
N ASP B 195 5.84 33.35 15.97
CA ASP B 195 6.74 33.96 16.94
C ASP B 195 8.20 33.51 16.70
N THR B 196 8.46 32.27 17.09
CA THR B 196 9.74 31.58 17.00
C THR B 196 9.67 30.65 15.80
N VAL B 197 10.84 30.38 15.23
CA VAL B 197 10.95 29.39 14.18
C VAL B 197 12.27 28.74 14.39
N ILE B 198 12.21 27.44 14.59
CA ILE B 198 13.38 26.67 14.86
C ILE B 198 13.23 25.30 14.17
N GLY B 199 14.12 25.02 13.21
CA GLY B 199 14.13 23.77 12.45
C GLY B 199 12.81 23.53 11.74
N GLY B 200 12.12 24.58 11.37
CA GLY B 200 10.92 24.36 10.63
C GLY B 200 9.70 24.24 11.52
N ARG B 201 9.88 24.32 12.84
CA ARG B 201 8.77 24.34 13.78
C ARG B 201 8.49 25.79 14.13
N LEU B 202 7.20 26.06 14.35
CA LEU B 202 6.73 27.42 14.51
C LEU B 202 6.08 27.49 15.84
N ARG B 203 6.49 28.42 16.70
CA ARG B 203 5.73 28.75 17.90
C ARG B 203 4.77 29.85 17.49
N LEU B 204 3.47 29.66 17.72
CA LEU B 204 2.46 30.65 17.32
C LEU B 204 1.81 31.35 18.54
N LEU B 205 1.47 32.67 18.37
CA LEU B 205 0.76 33.40 19.43
C LEU B 205 -0.64 33.94 18.97
N TYR B 206 -1.61 33.67 19.79
CA TYR B 206 -3.01 33.96 19.40
C TYR B 206 -3.28 35.39 19.32
N GLU B 207 -4.14 35.87 18.36
CA GLU B 207 -4.51 37.28 18.23
C GLU B 207 -5.34 37.70 19.37
N ASP B 208 -6.21 36.80 19.90
CA ASP B 208 -7.02 37.04 21.12
C ASP B 208 -7.09 35.74 22.08
N ASP B 212 2.27 32.86 27.72
CA ASP B 212 1.45 31.86 28.39
C ASP B 212 0.88 30.83 27.40
N ASP B 213 -0.31 31.13 26.84
CA ASP B 213 -1.03 30.25 25.92
C ASP B 213 -0.51 30.41 24.48
N ASP B 214 -0.02 29.31 23.90
CA ASP B 214 0.49 29.29 22.53
C ASP B 214 0.34 27.92 21.86
N PHE B 215 0.88 27.81 20.64
CA PHE B 215 0.77 26.65 19.81
C PHE B 215 2.05 26.41 19.00
N TRP B 216 2.62 25.23 19.19
CA TRP B 216 3.75 24.75 18.42
C TRP B 216 3.29 23.76 17.35
N CYS B 217 3.75 23.96 16.14
CA CYS B 217 3.55 23.00 15.08
C CYS B 217 4.69 23.11 14.08
N HIS B 218 4.72 22.20 13.13
CA HIS B 218 5.64 22.29 12.03
C HIS B 218 5.08 23.19 10.90
N MET B 219 5.95 23.67 10.00
CA MET B 219 5.44 24.51 8.95
C MET B 219 4.65 23.81 7.84
N TRP B 220 4.83 22.49 7.75
CA TRP B 220 4.03 21.59 6.88
C TRP B 220 2.79 20.98 7.56
N SER B 221 2.39 21.47 8.72
CA SER B 221 1.31 20.88 9.48
C SER B 221 -0.05 21.05 8.79
N PRO B 222 -0.92 20.02 8.83
CA PRO B 222 -2.26 20.29 8.23
C PRO B 222 -3.13 21.26 9.04
N LEU B 223 -2.68 21.66 10.24
CA LEU B 223 -3.51 22.53 11.14
C LEU B 223 -3.44 24.01 10.87
N ILE B 224 -2.46 24.44 10.09
CA ILE B 224 -2.28 25.86 9.78
C ILE B 224 -2.62 26.16 8.32
N HIS B 225 -3.16 27.38 8.07
CA HIS B 225 -3.73 27.80 6.80
C HIS B 225 -3.46 29.29 6.57
N PRO B 226 -3.37 29.71 5.29
CA PRO B 226 -3.24 31.09 4.94
C PRO B 226 -4.49 31.93 5.31
N VAL B 227 -4.32 33.19 5.76
CA VAL B 227 -5.50 33.97 6.10
C VAL B 227 -6.42 34.23 4.89
N GLY B 228 -7.69 33.84 5.12
CA GLY B 228 -8.64 34.01 3.98
C GLY B 228 -9.17 32.61 3.55
N TRP B 229 -8.44 31.52 3.89
CA TRP B 229 -8.72 30.06 3.64
C TRP B 229 -10.05 29.61 4.20
N SER B 230 -10.32 29.85 5.52
CA SER B 230 -11.59 29.38 6.20
C SER B 230 -12.77 29.87 5.49
N ARG B 231 -12.84 31.19 5.14
CA ARG B 231 -14.00 31.72 4.39
C ARG B 231 -14.08 31.25 2.96
N ARG B 232 -12.96 30.81 2.39
CA ARG B 232 -12.88 30.29 0.98
C ARG B 232 -13.28 28.81 0.85
N VAL B 233 -13.01 28.01 1.88
CA VAL B 233 -13.49 26.61 1.79
C VAL B 233 -14.79 26.37 2.56
N GLY B 234 -15.17 27.28 3.46
CA GLY B 234 -16.32 27.04 4.34
C GLY B 234 -16.04 26.44 5.73
N HIS B 235 -14.83 26.62 6.24
CA HIS B 235 -14.50 26.15 7.56
C HIS B 235 -14.86 27.19 8.61
N GLY B 236 -15.35 26.75 9.77
CA GLY B 236 -15.60 27.70 10.87
C GLY B 236 -14.38 28.53 11.29
N ILE B 237 -14.61 29.82 11.54
CA ILE B 237 -13.52 30.68 12.03
C ILE B 237 -13.94 31.54 13.24
N LYS B 238 -13.15 31.47 14.30
CA LYS B 238 -13.27 32.34 15.47
C LYS B 238 -12.75 33.76 15.14
N CYS B 257 1.91 41.61 8.22
CA CYS B 257 1.68 40.83 6.88
C CYS B 257 1.18 39.36 7.07
N ASP B 258 0.29 38.94 6.17
CA ASP B 258 -0.34 37.61 6.16
C ASP B 258 0.47 36.67 5.26
N ALA B 259 0.68 35.42 5.72
CA ALA B 259 1.35 34.41 4.90
C ALA B 259 0.49 34.00 3.69
N VAL B 260 1.18 33.92 2.54
CA VAL B 260 0.62 33.55 1.24
C VAL B 260 0.35 32.06 1.23
N PRO B 261 -0.72 31.63 0.51
CA PRO B 261 -0.95 30.20 0.23
C PRO B 261 0.28 29.45 -0.32
N TYR B 262 1.16 30.17 -1.03
CA TYR B 262 2.40 29.62 -1.60
C TYR B 262 3.26 28.93 -0.53
N LEU B 263 3.33 29.56 0.65
CA LEU B 263 4.14 29.13 1.79
C LEU B 263 3.65 27.86 2.50
N PHE B 264 2.43 27.45 2.19
CA PHE B 264 1.83 26.33 2.89
C PHE B 264 2.00 25.04 2.15
N LYS B 265 1.95 23.92 2.89
CA LYS B 265 2.03 22.62 2.26
C LYS B 265 0.86 22.62 1.32
N LYS B 266 1.19 22.52 0.03
CA LYS B 266 0.17 22.53 -1.02
C LYS B 266 -0.54 21.19 -0.97
N VAL B 267 -1.83 21.20 -0.65
CA VAL B 267 -2.52 19.90 -0.59
C VAL B 267 -2.55 19.22 -1.93
N ARG B 268 -2.46 17.91 -1.83
CA ARG B 268 -2.77 16.99 -2.90
C ARG B 268 -3.96 17.49 -3.73
N ALA B 269 -3.76 17.59 -5.04
CA ALA B 269 -4.88 17.66 -5.95
C ALA B 269 -5.50 16.24 -6.02
N VAL B 270 -6.82 16.20 -6.17
CA VAL B 270 -7.58 14.98 -6.27
C VAL B 270 -8.10 14.88 -7.67
N TYR B 271 -7.89 13.74 -8.31
CA TYR B 271 -8.62 13.44 -9.52
C TYR B 271 -9.60 12.33 -9.26
N THR B 272 -10.88 12.63 -9.45
CA THR B 272 -11.93 11.70 -9.11
C THR B 272 -12.96 11.54 -10.26
N GLU B 273 -13.46 10.31 -10.45
CA GLU B 273 -14.56 10.01 -11.39
C GLU B 273 -15.85 9.81 -10.61
N GLY B 274 -16.95 10.33 -11.15
CA GLY B 274 -18.29 10.23 -10.53
C GLY B 274 -18.35 10.66 -9.07
N GLY B 275 -19.11 9.90 -8.26
CA GLY B 275 -19.32 10.20 -6.86
C GLY B 275 -18.12 10.50 -5.96
N TRP B 276 -18.34 11.52 -5.12
CA TRP B 276 -17.40 11.97 -4.12
C TRP B 276 -17.80 11.49 -2.71
N PHE B 277 -16.99 11.85 -1.70
CA PHE B 277 -17.41 11.81 -0.30
C PHE B 277 -18.65 12.64 -0.15
N GLU B 278 -19.68 12.07 0.50
CA GLU B 278 -20.96 12.72 0.75
C GLU B 278 -21.25 12.67 2.23
N GLU B 279 -21.92 13.69 2.74
CA GLU B 279 -22.45 13.75 4.11
C GLU B 279 -23.15 12.44 4.52
N GLY B 280 -22.78 11.88 5.66
CA GLY B 280 -23.51 10.73 6.22
C GLY B 280 -22.76 9.42 6.04
N MET B 281 -21.77 9.46 5.14
CA MET B 281 -20.92 8.32 4.82
C MET B 281 -20.02 8.02 6.00
N LYS B 282 -19.89 6.74 6.31
CA LYS B 282 -19.13 6.26 7.47
C LYS B 282 -17.74 5.80 7.12
N LEU B 283 -16.82 5.98 8.05
CA LEU B 283 -15.42 5.60 7.86
C LEU B 283 -14.76 5.45 9.21
N GLU B 284 -13.45 5.19 9.19
CA GLU B 284 -12.59 5.20 10.33
C GLU B 284 -11.62 6.42 10.30
N ALA B 285 -11.37 7.03 11.46
CA ALA B 285 -10.55 8.20 11.53
C ALA B 285 -9.78 8.21 12.84
N ILE B 286 -8.53 8.70 12.80
CA ILE B 286 -7.78 8.94 14.00
C ILE B 286 -8.45 10.12 14.68
N ASP B 287 -8.74 9.97 15.97
CA ASP B 287 -9.35 11.00 16.76
C ASP B 287 -8.31 12.08 17.02
N PRO B 288 -8.54 13.27 16.47
CA PRO B 288 -7.61 14.36 16.69
C PRO B 288 -7.40 14.73 18.18
N LEU B 289 -8.40 14.50 19.04
CA LEU B 289 -8.29 14.75 20.48
C LEU B 289 -7.76 13.56 21.30
N ASN B 290 -7.68 12.39 20.67
CA ASN B 290 -7.02 11.19 21.22
C ASN B 290 -6.34 10.39 20.11
N LEU B 291 -5.09 10.74 19.89
CA LEU B 291 -4.35 10.25 18.74
C LEU B 291 -3.99 8.79 18.91
N GLY B 292 -4.25 8.24 20.09
CA GLY B 292 -4.09 6.83 20.33
C GLY B 292 -5.26 6.00 19.85
N ASN B 293 -6.34 6.67 19.45
CA ASN B 293 -7.59 6.03 19.01
C ASN B 293 -7.96 6.27 17.56
N ILE B 294 -8.34 5.19 16.90
CA ILE B 294 -8.93 5.19 15.57
C ILE B 294 -10.39 4.80 15.76
N CYS B 295 -11.29 5.68 15.33
CA CYS B 295 -12.65 5.74 15.79
C CYS B 295 -13.63 5.64 14.64
N VAL B 296 -14.84 5.22 14.98
CA VAL B 296 -15.92 5.11 14.03
C VAL B 296 -16.36 6.56 13.77
N ALA B 297 -16.31 6.98 12.51
CA ALA B 297 -16.54 8.37 12.16
C ALA B 297 -17.55 8.53 11.03
N THR B 298 -17.98 9.75 10.80
CA THR B 298 -19.03 10.09 9.84
C THR B 298 -18.58 11.32 9.10
N VAL B 299 -18.76 11.33 7.79
CA VAL B 299 -18.69 12.60 7.07
C VAL B 299 -19.89 13.49 7.43
N CYS B 300 -19.55 14.58 8.07
CA CYS B 300 -20.48 15.48 8.68
C CYS B 300 -20.84 16.71 7.79
N LYS B 301 -19.90 17.09 6.92
CA LYS B 301 -20.06 18.17 5.91
C LYS B 301 -18.93 18.07 4.88
N VAL B 302 -19.24 18.33 3.63
CA VAL B 302 -18.23 18.31 2.57
C VAL B 302 -17.83 19.74 2.20
N LEU B 303 -16.61 20.16 2.54
CA LEU B 303 -16.15 21.50 2.25
C LEU B 303 -15.71 21.64 0.77
N LEU B 304 -15.22 22.81 0.42
CA LEU B 304 -14.58 22.98 -0.90
C LEU B 304 -13.16 22.40 -0.88
N ASP B 305 -12.61 22.15 -2.06
CA ASP B 305 -11.21 21.78 -2.29
C ASP B 305 -10.82 20.40 -1.73
N GLY B 306 -11.81 19.54 -1.58
CA GLY B 306 -11.57 18.19 -1.08
C GLY B 306 -11.51 18.05 0.44
N TYR B 307 -11.80 19.12 1.17
CA TYR B 307 -11.82 19.06 2.62
C TYR B 307 -13.12 18.49 3.14
N LEU B 308 -13.01 17.84 4.29
CA LEU B 308 -14.17 17.16 4.87
C LEU B 308 -14.26 17.50 6.33
N MET B 309 -15.43 17.90 6.82
CA MET B 309 -15.71 17.83 8.27
C MET B 309 -16.17 16.42 8.69
N ILE B 310 -15.39 15.81 9.56
CA ILE B 310 -15.62 14.46 10.07
C ILE B 310 -15.94 14.49 11.57
N CYS B 311 -16.98 13.78 11.98
CA CYS B 311 -17.35 13.68 13.39
C CYS B 311 -17.16 12.23 13.87
N VAL B 312 -16.60 12.04 15.07
CA VAL B 312 -16.63 10.76 15.79
C VAL B 312 -18.03 10.55 16.36
N ASP B 313 -18.66 9.37 16.16
CA ASP B 313 -19.98 9.13 16.84
C ASP B 313 -19.90 8.35 18.16
N ASP B 322 -18.06 18.37 18.00
CA ASP B 322 -16.68 18.77 17.67
C ASP B 322 -16.18 18.13 16.38
N TRP B 323 -16.73 18.57 15.26
CA TRP B 323 -16.27 18.07 13.96
C TRP B 323 -14.84 18.52 13.72
N PHE B 324 -14.08 17.73 12.99
CA PHE B 324 -12.68 18.02 12.67
C PHE B 324 -12.49 18.03 11.18
N CYS B 325 -11.70 18.97 10.71
CA CYS B 325 -11.40 18.96 9.28
C CYS B 325 -10.22 18.07 8.90
N TYR B 326 -10.45 17.14 7.98
CA TYR B 326 -9.37 16.35 7.36
C TYR B 326 -9.44 16.54 5.86
N HIS B 327 -8.33 16.78 5.16
CA HIS B 327 -8.45 16.72 3.69
C HIS B 327 -8.77 15.28 3.25
N ALA B 328 -9.55 15.12 2.18
CA ALA B 328 -9.82 13.80 1.60
C ALA B 328 -8.57 12.93 1.30
N SER B 329 -7.40 13.56 1.11
CA SER B 329 -6.15 12.86 0.81
C SER B 329 -5.38 12.44 2.06
N SER B 330 -5.95 12.73 3.23
CA SER B 330 -5.33 12.44 4.51
C SER B 330 -5.14 10.99 4.77
N HIS B 331 -4.01 10.71 5.41
CA HIS B 331 -3.61 9.37 5.79
C HIS B 331 -4.06 9.05 7.23
N ALA B 332 -4.90 9.91 7.80
CA ALA B 332 -5.54 9.70 9.11
C ALA B 332 -7.04 9.35 8.95
N ILE B 333 -7.52 9.13 7.73
CA ILE B 333 -8.85 8.59 7.57
C ILE B 333 -8.74 7.30 6.82
N PHE B 334 -9.61 6.34 7.14
CA PHE B 334 -9.52 4.97 6.59
C PHE B 334 -10.86 4.38 6.23
N PRO B 335 -10.91 3.43 5.25
CA PRO B 335 -12.24 2.88 4.95
C PRO B 335 -12.71 2.04 6.12
N ALA B 336 -14.04 1.90 6.27
CA ALA B 336 -14.60 1.03 7.28
C ALA B 336 -13.95 -0.34 7.13
N THR B 337 -13.62 -0.97 8.26
CA THR B 337 -12.97 -2.30 8.35
C THR B 337 -11.43 -2.33 8.20
N PHE B 338 -10.82 -1.17 7.96
CA PHE B 338 -9.37 -1.03 8.00
C PHE B 338 -8.75 -1.62 9.30
N CYS B 339 -9.27 -1.22 10.46
CA CYS B 339 -8.72 -1.69 11.74
C CYS B 339 -8.79 -3.19 11.85
N GLN B 340 -10.00 -3.75 11.63
CA GLN B 340 -10.16 -5.20 11.79
C GLN B 340 -9.29 -5.99 10.80
N LYS B 341 -9.25 -5.53 9.54
CA LYS B 341 -8.33 -6.09 8.51
C LYS B 341 -6.85 -6.02 8.91
N ASN B 342 -6.48 -5.00 9.67
CA ASN B 342 -5.08 -4.79 10.01
C ASN B 342 -4.76 -5.02 11.45
N ASP B 343 -5.72 -5.56 12.19
CA ASP B 343 -5.46 -6.00 13.56
C ASP B 343 -5.08 -4.81 14.47
N ILE B 344 -5.83 -3.71 14.32
CA ILE B 344 -5.76 -2.53 15.16
C ILE B 344 -7.03 -2.40 16.00
N GLU B 345 -6.93 -1.99 17.26
CA GLU B 345 -8.15 -1.81 18.02
C GLU B 345 -8.98 -0.58 17.59
N LEU B 346 -10.21 -0.85 17.20
CA LEU B 346 -11.13 0.21 16.78
C LEU B 346 -11.87 0.75 17.99
N THR B 347 -11.92 2.07 18.13
CA THR B 347 -12.77 2.66 19.16
C THR B 347 -14.19 2.80 18.60
N PRO B 348 -15.15 2.06 19.22
CA PRO B 348 -16.51 2.10 18.71
C PRO B 348 -17.27 3.29 19.30
N PRO B 349 -18.46 3.60 18.77
CA PRO B 349 -19.25 4.63 19.41
C PRO B 349 -19.59 4.25 20.87
N LYS B 350 -19.62 5.21 21.78
CA LYS B 350 -19.91 4.91 23.18
C LYS B 350 -21.20 4.05 23.33
N GLY B 351 -21.11 3.08 24.23
CA GLY B 351 -22.14 2.05 24.41
C GLY B 351 -22.03 0.85 23.47
N TYR B 352 -20.80 0.51 23.04
CA TYR B 352 -20.58 -0.61 22.11
C TYR B 352 -19.49 -1.59 22.61
N THR B 356 -19.08 -7.20 20.94
CA THR B 356 -18.14 -6.64 19.97
C THR B 356 -18.89 -5.85 18.88
N PHE B 357 -18.23 -4.82 18.35
CA PHE B 357 -18.75 -3.94 17.29
C PHE B 357 -18.51 -4.54 15.91
N ASN B 358 -19.55 -4.41 15.09
CA ASN B 358 -19.58 -5.04 13.81
C ASN B 358 -20.14 -4.03 12.80
N TRP B 359 -19.36 -3.77 11.75
CA TRP B 359 -19.69 -2.76 10.76
C TRP B 359 -20.97 -3.01 9.92
N GLU B 360 -21.12 -4.22 9.37
CA GLU B 360 -22.36 -4.57 8.62
C GLU B 360 -23.66 -4.22 9.39
N ASN B 361 -23.66 -4.58 10.66
CA ASN B 361 -24.81 -4.38 11.51
C ASN B 361 -25.01 -2.94 11.92
N TYR B 362 -23.89 -2.21 12.06
CA TYR B 362 -23.93 -0.82 12.41
C TYR B 362 -24.43 0.00 11.24
N LEU B 363 -23.95 -0.31 10.04
CA LEU B 363 -24.43 0.35 8.84
C LEU B 363 -25.93 0.12 8.68
N GLU B 364 -26.39 -1.09 9.00
CA GLU B 364 -27.82 -1.37 9.12
C GLU B 364 -28.53 -0.62 10.25
N LYS B 365 -28.06 -0.68 11.50
CA LYS B 365 -28.73 0.03 12.61
C LYS B 365 -28.86 1.53 12.32
N THR B 366 -27.84 2.11 11.67
CA THR B 366 -27.80 3.54 11.41
C THR B 366 -28.35 3.94 10.03
N LYS B 367 -28.83 2.97 9.25
CA LYS B 367 -29.23 3.18 7.84
C LYS B 367 -28.26 4.07 7.03
N SER B 368 -26.99 3.70 7.09
CA SER B 368 -25.87 4.42 6.47
C SER B 368 -25.05 3.58 5.51
N LYS B 369 -24.27 4.28 4.69
CA LYS B 369 -23.37 3.64 3.79
C LYS B 369 -21.94 3.92 4.23
N ALA B 370 -21.04 2.95 4.04
CA ALA B 370 -19.63 3.22 4.25
C ALA B 370 -19.12 3.96 3.01
N ALA B 371 -18.23 4.92 3.22
CA ALA B 371 -17.63 5.67 2.12
C ALA B 371 -16.79 4.67 1.34
N PRO B 372 -16.97 4.59 0.00
CA PRO B 372 -16.22 3.66 -0.84
C PRO B 372 -14.72 3.77 -0.65
N SER B 373 -14.08 2.61 -0.50
CA SER B 373 -12.65 2.50 -0.40
C SER B 373 -11.87 3.14 -1.54
N ARG B 374 -12.50 3.25 -2.70
CA ARG B 374 -11.83 3.80 -3.90
C ARG B 374 -11.48 5.30 -3.73
N LEU B 375 -12.05 5.91 -2.69
CA LEU B 375 -11.92 7.35 -2.46
C LEU B 375 -10.72 7.72 -1.60
N PHE B 376 -10.19 6.74 -0.87
CA PHE B 376 -9.14 6.95 0.09
C PHE B 376 -7.77 6.91 -0.53
N ASN B 377 -6.88 7.70 0.06
CA ASN B 377 -5.54 7.81 -0.43
C ASN B 377 -4.69 6.74 0.25
N MET B 378 -5.00 5.48 -0.02
CA MET B 378 -4.35 4.31 0.57
C MET B 378 -3.11 3.85 -0.23
N ASP B 379 -1.95 4.51 -0.07
CA ASP B 379 -0.79 4.01 -0.81
C ASP B 379 0.30 3.42 0.08
N CYS B 380 1.42 3.05 -0.52
CA CYS B 380 2.48 2.38 0.22
C CYS B 380 3.83 2.88 -0.25
N PRO B 381 4.30 3.99 0.37
CA PRO B 381 5.68 4.36 0.09
C PRO B 381 6.63 3.31 0.71
N ASN B 382 7.88 3.32 0.26
CA ASN B 382 8.93 2.57 0.91
C ASN B 382 9.49 3.52 1.90
N HIS B 383 8.82 3.67 3.04
CA HIS B 383 9.22 4.69 4.00
C HIS B 383 10.44 4.26 4.82
N GLY B 384 10.58 2.94 4.99
CA GLY B 384 11.68 2.37 5.77
C GLY B 384 11.60 2.45 7.29
N PHE B 385 10.45 2.72 7.90
CA PHE B 385 10.33 2.60 9.37
C PHE B 385 10.12 1.12 9.74
N LYS B 386 10.72 0.65 10.82
CA LYS B 386 10.55 -0.74 11.28
C LYS B 386 10.29 -0.62 12.76
N VAL B 387 9.61 -1.62 13.29
CA VAL B 387 9.34 -1.69 14.71
C VAL B 387 10.64 -1.68 15.54
N GLY B 388 10.67 -0.88 16.59
CA GLY B 388 11.79 -0.89 17.48
C GLY B 388 12.66 0.34 17.27
N MET B 389 12.49 1.02 16.13
CA MET B 389 13.37 2.14 15.80
C MET B 389 13.11 3.31 16.71
N LYS B 390 14.19 3.98 17.10
CA LYS B 390 14.15 5.16 17.95
C LYS B 390 14.16 6.43 17.11
N LEU B 391 13.51 7.46 17.63
CA LEU B 391 13.36 8.75 16.95
C LEU B 391 13.00 9.78 17.99
N GLU B 392 12.84 11.04 17.54
CA GLU B 392 12.33 12.14 18.36
C GLU B 392 10.92 12.49 17.92
N ALA B 393 9.95 12.41 18.82
CA ALA B 393 8.59 12.65 18.46
C ALA B 393 8.03 13.83 19.27
N VAL B 394 7.34 14.72 18.58
CA VAL B 394 6.42 15.65 19.22
C VAL B 394 5.29 14.95 20.01
N ASP B 395 5.14 15.36 21.26
CA ASP B 395 3.94 15.02 22.01
C ASP B 395 2.77 15.91 21.56
N LEU B 396 1.86 15.40 20.73
CA LEU B 396 0.81 16.31 20.17
C LEU B 396 -0.25 16.90 21.11
N MET B 397 -0.42 16.31 22.30
CA MET B 397 -1.25 16.92 23.37
C MET B 397 -0.54 18.12 24.01
N GLU B 398 0.78 18.21 23.78
CA GLU B 398 1.62 19.31 24.28
C GLU B 398 2.84 19.52 23.35
N PRO B 399 2.57 20.06 22.15
CA PRO B 399 3.52 20.09 21.05
C PRO B 399 4.79 20.94 21.23
N ARG B 400 4.93 21.68 22.32
CA ARG B 400 6.23 22.23 22.69
C ARG B 400 7.22 21.11 23.11
N LEU B 401 6.69 19.96 23.49
CA LEU B 401 7.57 18.87 23.95
C LEU B 401 7.95 17.95 22.82
N ILE B 402 9.26 17.75 22.65
CA ILE B 402 9.80 16.75 21.76
C ILE B 402 10.56 15.75 22.58
N CYS B 403 10.20 14.47 22.43
CA CYS B 403 10.56 13.40 23.35
C CYS B 403 11.19 12.22 22.65
N VAL B 404 12.00 11.50 23.39
CA VAL B 404 12.56 10.25 22.95
C VAL B 404 11.39 9.28 22.76
N ALA B 405 11.34 8.71 21.58
CA ALA B 405 10.20 7.89 21.25
C ALA B 405 10.61 6.65 20.42
N THR B 406 9.66 5.74 20.18
CA THR B 406 9.96 4.46 19.56
C THR B 406 8.86 4.14 18.56
N VAL B 407 9.20 3.59 17.39
CA VAL B 407 8.18 2.98 16.50
C VAL B 407 7.63 1.65 17.08
N LYS B 408 6.38 1.64 17.47
CA LYS B 408 5.79 0.45 18.11
C LYS B 408 5.04 -0.47 17.15
N ARG B 409 4.39 0.11 16.17
CA ARG B 409 3.67 -0.66 15.16
C ARG B 409 3.96 0.02 13.84
N VAL B 410 4.10 -0.75 12.77
CA VAL B 410 4.02 -0.23 11.40
C VAL B 410 2.90 -1.03 10.75
N VAL B 411 1.95 -0.34 10.14
CA VAL B 411 0.80 -0.91 9.48
C VAL B 411 0.75 -0.14 8.16
N HIS B 412 1.50 -0.65 7.20
CA HIS B 412 1.72 0.02 5.92
C HIS B 412 2.31 1.39 6.17
N ARG B 413 1.54 2.45 5.93
CA ARG B 413 1.98 3.82 6.15
C ARG B 413 1.86 4.27 7.63
N LEU B 414 1.01 3.60 8.40
CA LEU B 414 0.66 4.10 9.73
C LEU B 414 1.64 3.66 10.78
N LEU B 415 2.15 4.62 11.54
CA LEU B 415 3.01 4.29 12.64
C LEU B 415 2.29 4.53 13.95
N SER B 416 2.56 3.62 14.86
CA SER B 416 2.24 3.86 16.23
C SER B 416 3.48 4.25 16.96
N ILE B 417 3.47 5.47 17.48
CA ILE B 417 4.59 6.01 18.23
C ILE B 417 4.36 5.81 19.72
N HIS B 418 5.32 5.14 20.35
CA HIS B 418 5.43 5.02 21.82
C HIS B 418 6.51 5.97 22.46
N PHE B 419 6.14 6.67 23.53
CA PHE B 419 7.06 7.51 24.32
C PHE B 419 7.73 6.73 25.44
N ASP B 420 9.04 6.52 25.30
CA ASP B 420 9.80 5.74 26.25
C ASP B 420 9.62 6.19 27.71
N GLY B 421 9.24 5.25 28.58
CA GLY B 421 8.99 5.57 29.98
C GLY B 421 7.58 5.98 30.32
N TRP B 422 6.75 6.20 29.30
CA TRP B 422 5.37 6.63 29.49
C TRP B 422 4.37 5.50 29.29
N ASP B 423 3.19 5.63 29.86
CA ASP B 423 2.17 4.59 29.67
C ASP B 423 1.72 4.55 28.20
N SER B 424 1.28 3.39 27.72
CA SER B 424 0.78 3.27 26.32
C SER B 424 -0.48 4.09 26.00
N GLU B 425 -1.17 4.60 27.02
CA GLU B 425 -2.24 5.55 26.79
C GLU B 425 -1.73 6.83 26.09
N TYR B 426 -0.44 7.06 26.10
CA TYR B 426 0.11 8.25 25.47
C TYR B 426 0.53 7.99 24.03
N ASP B 427 0.52 6.73 23.59
CA ASP B 427 0.85 6.33 22.22
C ASP B 427 0.06 7.07 21.18
N GLN B 428 0.71 7.37 20.07
CA GLN B 428 0.11 8.17 18.98
C GLN B 428 0.14 7.44 17.61
N TRP B 429 -0.99 7.43 16.91
CA TRP B 429 -1.02 6.99 15.54
C TRP B 429 -0.73 8.18 14.67
N VAL B 430 0.33 8.05 13.86
CA VAL B 430 0.69 9.12 12.98
C VAL B 430 1.09 8.47 11.65
N ASP B 431 0.87 9.19 10.57
CA ASP B 431 1.36 8.75 9.27
C ASP B 431 2.90 8.76 9.16
N CYS B 432 3.46 7.93 8.26
CA CYS B 432 4.93 7.77 8.16
C CYS B 432 5.59 9.05 7.70
N GLU B 433 4.87 9.85 6.96
CA GLU B 433 5.33 11.16 6.54
C GLU B 433 4.94 12.33 7.43
N SER B 434 4.46 12.10 8.64
CA SER B 434 4.16 13.18 9.57
C SER B 434 5.34 14.18 9.77
N PRO B 435 5.08 15.50 9.74
CA PRO B 435 6.17 16.44 9.98
C PRO B 435 6.40 16.59 11.51
N ASP B 436 5.84 15.66 12.31
CA ASP B 436 5.94 15.70 13.78
C ASP B 436 6.80 14.61 14.37
N ILE B 437 7.59 13.96 13.54
CA ILE B 437 8.55 13.02 14.05
C ILE B 437 9.87 13.38 13.39
N TYR B 438 10.98 13.07 14.06
CA TYR B 438 12.30 13.61 13.64
C TYR B 438 13.28 12.52 13.94
N PRO B 439 14.42 12.51 13.22
CA PRO B 439 15.51 11.64 13.52
C PRO B 439 16.22 11.92 14.86
N VAL B 440 16.82 10.88 15.47
CA VAL B 440 17.81 11.05 16.55
C VAL B 440 18.79 12.14 16.14
N GLY B 441 19.08 13.06 17.05
CA GLY B 441 19.95 14.18 16.76
C GLY B 441 19.32 15.44 16.22
N TRP B 442 18.04 15.42 15.85
CA TRP B 442 17.38 16.60 15.33
C TRP B 442 17.35 17.76 16.32
N CYS B 443 16.98 17.51 17.56
CA CYS B 443 16.99 18.54 18.59
C CYS B 443 18.39 19.07 18.78
N GLU B 444 19.38 18.21 18.77
CA GLU B 444 20.76 18.65 18.95
C GLU B 444 21.21 19.45 17.70
N LEU B 445 20.80 19.04 16.50
CA LEU B 445 21.11 19.81 15.31
C LEU B 445 20.51 21.24 15.27
N THR B 446 19.23 21.36 15.64
CA THR B 446 18.48 22.64 15.57
C THR B 446 18.58 23.46 16.85
N GLY B 447 19.04 22.89 17.96
CA GLY B 447 19.10 23.63 19.24
C GLY B 447 17.86 23.55 20.10
N TYR B 448 16.94 22.69 19.71
CA TYR B 448 15.71 22.44 20.43
C TYR B 448 16.04 21.55 21.64
N GLN B 449 15.24 21.65 22.71
CA GLN B 449 15.44 20.75 23.83
C GLN B 449 14.64 19.46 23.74
N LEU B 450 15.31 18.35 24.04
CA LEU B 450 14.75 17.03 23.95
C LEU B 450 14.27 16.58 25.32
N GLN B 451 13.05 16.04 25.43
CA GLN B 451 12.62 15.49 26.70
C GLN B 451 13.20 14.06 26.86
N PRO B 452 13.91 13.81 27.98
CA PRO B 452 14.53 12.51 28.22
C PRO B 452 13.46 11.45 28.48
N PRO B 453 13.81 10.16 28.39
CA PRO B 453 12.75 9.21 28.43
C PRO B 453 12.41 8.72 29.81
N VAL B 454 11.80 9.53 30.69
CA VAL B 454 11.34 8.94 31.98
C VAL B 454 9.84 9.09 32.31
#